data_7ZSO
#
_entry.id   7ZSO
#
_cell.length_a   58.480
_cell.length_b   119.330
_cell.length_c   130.180
_cell.angle_alpha   90.000
_cell.angle_beta   90.000
_cell.angle_gamma   90.000
#
_symmetry.space_group_name_H-M   'P 21 21 21'
#
loop_
_entity.id
_entity.type
_entity.pdbx_description
1 polymer 'Purine nucleoside phosphorylase'
2 non-polymer '[(~{E})-2-[2-[(4-oxidanylidene-3,5-dihydropyrrolo[3,2-d]pyrimidin-7-yl)sulfanyl]-5-[2,3,4,5,6-pentakis(fluoranyl)phenoxy]phenyl]ethenyl]phosphonic acid'
3 non-polymer GLYCEROL
4 non-polymer 'SULFATE ION'
5 non-polymer 'SODIUM ION'
6 water water
#
_entity_poly.entity_id   1
_entity_poly.type   'polypeptide(L)'
_entity_poly.pdbx_seq_one_letter_code
;MENGYTYEDYKNTAEWLLSHTKHRPQVAIICGSGLGGLTDKLTQAQIFDYGEIPNFPRSTVPGHAGRLVFGFLNGRACVM
MQGRFHMYEGYPLWKVTFPVRVFHLLGVDTLVVTNAAGGLNPKFEVGDIMLIRDHINLPGFSGQNPLRGPNDERFGDRFP
AMSDAYDRTMRQRALSTWKQMGEQRELQEGTYVMVAGPSFETVAECRVLQKLGADAVGMSTVPEVIVARHCGLRVFGFSL
ITNKVIMDYESLEKANHEEVLAAGKQAAQKLEQFVSILMASIPLPDKAS
;
_entity_poly.pdbx_strand_id   A,B,C
#
# COMPACT_ATOMS: atom_id res chain seq x y z
N ASN A 3 -2.58 8.10 17.96
CA ASN A 3 -2.65 7.40 19.27
C ASN A 3 -2.55 5.88 19.05
N GLY A 4 -2.81 5.10 20.12
CA GLY A 4 -3.13 3.66 20.08
C GLY A 4 -4.02 3.29 21.26
N TYR A 5 -4.01 2.04 21.71
CA TYR A 5 -4.63 1.58 22.98
C TYR A 5 -3.61 0.78 23.80
N THR A 6 -3.58 0.96 25.12
CA THR A 6 -2.80 0.11 26.07
C THR A 6 -3.63 -1.15 26.40
N TYR A 7 -3.01 -2.18 26.98
CA TYR A 7 -3.70 -3.42 27.44
C TYR A 7 -4.76 -3.02 28.46
N GLU A 8 -4.41 -2.11 29.37
CA GLU A 8 -5.32 -1.57 30.42
C GLU A 8 -6.60 -1.02 29.79
N ASP A 9 -6.51 -0.33 28.66
CA ASP A 9 -7.69 0.26 27.95
C ASP A 9 -8.64 -0.89 27.57
N TYR A 10 -8.15 -1.92 26.90
CA TYR A 10 -9.02 -3.06 26.49
C TYR A 10 -9.62 -3.70 27.74
N LYS A 11 -8.76 -3.94 28.73
CA LYS A 11 -9.12 -4.53 30.04
C LYS A 11 -10.29 -3.73 30.62
N ASN A 12 -10.17 -2.41 30.71
CA ASN A 12 -11.21 -1.56 31.35
C ASN A 12 -12.52 -1.66 30.58
N THR A 13 -12.46 -1.65 29.25
CA THR A 13 -13.64 -1.80 28.37
C THR A 13 -14.33 -3.15 28.65
N ALA A 14 -13.56 -4.24 28.62
CA ALA A 14 -14.01 -5.62 28.87
C ALA A 14 -14.69 -5.75 30.25
N GLU A 15 -14.02 -5.31 31.29
CA GLU A 15 -14.52 -5.41 32.68
C GLU A 15 -15.74 -4.52 32.83
N TRP A 16 -15.76 -3.35 32.19
CA TRP A 16 -16.94 -2.46 32.20
C TRP A 16 -18.12 -3.22 31.58
N LEU A 17 -17.93 -3.85 30.41
CA LEU A 17 -19.03 -4.60 29.76
C LEU A 17 -19.43 -5.81 30.63
N LEU A 18 -18.47 -6.59 31.14
CA LEU A 18 -18.77 -7.76 32.00
C LEU A 18 -19.61 -7.31 33.21
N SER A 19 -19.33 -6.16 33.80
CA SER A 19 -20.04 -5.67 35.02
C SER A 19 -21.39 -5.01 34.67
N HIS A 20 -21.70 -4.76 33.39
CA HIS A 20 -22.92 -4.04 32.96
C HIS A 20 -23.85 -4.93 32.16
N THR A 21 -23.47 -6.18 31.89
CA THR A 21 -24.40 -7.20 31.33
C THR A 21 -24.20 -8.55 32.01
N LYS A 22 -25.28 -9.34 32.14
CA LYS A 22 -25.32 -10.73 32.65
C LYS A 22 -24.84 -11.69 31.54
N HIS A 23 -24.91 -11.22 30.29
CA HIS A 23 -24.53 -12.03 29.10
C HIS A 23 -23.04 -12.38 29.15
N ARG A 24 -22.72 -13.61 28.75
CA ARG A 24 -21.37 -14.17 28.62
C ARG A 24 -21.29 -14.82 27.24
N PRO A 25 -21.05 -14.00 26.19
CA PRO A 25 -21.01 -14.50 24.82
C PRO A 25 -19.83 -15.46 24.58
N GLN A 26 -20.09 -16.51 23.80
CA GLN A 26 -19.10 -17.44 23.23
C GLN A 26 -18.78 -17.01 21.79
N VAL A 27 -19.75 -16.43 21.11
CA VAL A 27 -19.69 -16.09 19.65
C VAL A 27 -19.85 -14.58 19.46
N ALA A 28 -18.95 -14.00 18.65
CA ALA A 28 -18.99 -12.58 18.24
C ALA A 28 -19.42 -12.58 16.77
N ILE A 29 -20.53 -11.89 16.48
CA ILE A 29 -20.94 -11.66 15.06
C ILE A 29 -20.74 -10.19 14.70
N ILE A 30 -19.87 -9.94 13.74
CA ILE A 30 -19.74 -8.63 13.06
C ILE A 30 -20.60 -8.69 11.79
N CYS A 31 -21.70 -7.94 11.79
CA CYS A 31 -22.74 -7.92 10.74
C CYS A 31 -22.29 -6.97 9.61
N GLY A 32 -21.91 -7.53 8.47
CA GLY A 32 -21.68 -6.73 7.25
C GLY A 32 -22.97 -6.47 6.48
N SER A 33 -22.84 -6.10 5.21
CA SER A 33 -23.97 -5.74 4.32
C SER A 33 -25.02 -6.86 4.33
N GLY A 34 -26.29 -6.51 4.58
CA GLY A 34 -27.42 -7.44 4.53
C GLY A 34 -27.75 -8.07 5.88
N LEU A 35 -26.90 -7.89 6.89
CA LEU A 35 -27.12 -8.49 8.24
C LEU A 35 -27.36 -7.39 9.27
N GLY A 36 -27.53 -6.14 8.86
CA GLY A 36 -27.92 -5.05 9.78
C GLY A 36 -29.02 -5.51 10.73
N GLY A 37 -30.03 -6.23 10.22
CA GLY A 37 -31.25 -6.58 10.96
C GLY A 37 -31.14 -7.80 11.86
N LEU A 38 -30.01 -8.51 11.84
CA LEU A 38 -29.90 -9.81 12.55
C LEU A 38 -30.11 -9.63 14.06
N THR A 39 -29.78 -8.48 14.64
CA THR A 39 -30.00 -8.21 16.10
C THR A 39 -31.46 -8.43 16.49
N ASP A 40 -32.39 -8.24 15.54
CA ASP A 40 -33.86 -8.35 15.74
C ASP A 40 -34.20 -9.79 16.14
N LYS A 41 -33.40 -10.79 15.74
CA LYS A 41 -33.72 -12.20 16.00
C LYS A 41 -33.16 -12.67 17.36
N LEU A 42 -32.49 -11.79 18.12
CA LEU A 42 -31.87 -12.12 19.45
C LEU A 42 -32.97 -12.16 20.52
N THR A 43 -32.78 -12.95 21.57
CA THR A 43 -33.71 -12.98 22.74
C THR A 43 -32.93 -12.40 23.90
N GLN A 44 -33.64 -11.81 24.87
CA GLN A 44 -33.02 -11.23 26.08
C GLN A 44 -31.95 -10.25 25.61
N ALA A 45 -32.23 -9.52 24.54
CA ALA A 45 -31.27 -8.61 23.88
C ALA A 45 -30.92 -7.50 24.87
N GLN A 46 -29.65 -7.14 24.98
CA GLN A 46 -29.21 -5.99 25.78
C GLN A 46 -28.29 -5.13 24.90
N ILE A 47 -28.61 -3.85 24.78
CA ILE A 47 -28.02 -2.98 23.73
C ILE A 47 -27.11 -1.98 24.42
N PHE A 48 -25.89 -1.82 23.90
CA PHE A 48 -24.98 -0.71 24.30
C PHE A 48 -24.66 0.09 23.05
N ASP A 49 -24.87 1.40 23.09
CA ASP A 49 -24.32 2.34 22.09
C ASP A 49 -22.81 2.44 22.33
N TYR A 50 -22.03 2.43 21.24
CA TYR A 50 -20.55 2.55 21.24
C TYR A 50 -20.14 3.69 22.18
N GLY A 51 -20.93 4.78 22.16
CA GLY A 51 -20.65 6.02 22.91
C GLY A 51 -20.77 5.84 24.40
N GLU A 52 -21.62 4.92 24.86
CA GLU A 52 -21.75 4.53 26.29
C GLU A 52 -20.52 3.75 26.77
N ILE A 53 -19.81 3.09 25.86
CA ILE A 53 -18.78 2.09 26.22
C ILE A 53 -17.43 2.79 26.29
N PRO A 54 -16.75 2.73 27.46
CA PRO A 54 -15.40 3.30 27.59
C PRO A 54 -14.46 2.80 26.49
N ASN A 55 -13.73 3.75 25.88
CA ASN A 55 -12.60 3.57 24.93
C ASN A 55 -13.13 3.23 23.54
N PHE A 56 -14.42 2.91 23.41
CA PHE A 56 -14.97 2.31 22.17
C PHE A 56 -15.08 3.42 21.13
N PRO A 57 -14.45 3.29 19.94
CA PRO A 57 -14.59 4.31 18.90
C PRO A 57 -16.06 4.55 18.57
N ARG A 58 -16.44 5.81 18.42
CA ARG A 58 -17.81 6.23 18.03
C ARG A 58 -17.98 6.09 16.50
N SER A 59 -19.16 5.67 16.06
CA SER A 59 -19.60 5.76 14.65
C SER A 59 -19.73 7.26 14.28
N THR A 60 -18.96 7.76 13.31
CA THR A 60 -18.99 9.18 12.87
C THR A 60 -19.74 9.25 11.54
N VAL A 61 -20.34 8.16 11.11
CA VAL A 61 -20.92 7.97 9.74
C VAL A 61 -22.44 8.15 9.81
N PRO A 62 -23.12 8.42 8.68
CA PRO A 62 -24.57 8.54 8.69
C PRO A 62 -25.20 7.30 9.35
N GLY A 63 -26.33 7.49 10.03
CA GLY A 63 -27.19 6.41 10.54
C GLY A 63 -27.16 6.37 12.04
N HIS A 64 -27.76 5.34 12.61
CA HIS A 64 -27.85 5.13 14.08
C HIS A 64 -26.44 5.07 14.68
N ALA A 65 -26.31 5.56 15.92
CA ALA A 65 -25.22 5.23 16.87
C ALA A 65 -24.91 3.75 16.72
N GLY A 66 -23.64 3.40 16.46
CA GLY A 66 -23.20 1.99 16.36
C GLY A 66 -23.62 1.24 17.62
N ARG A 67 -23.96 -0.04 17.50
CA ARG A 67 -24.59 -0.80 18.61
C ARG A 67 -23.84 -2.13 18.78
N LEU A 68 -23.45 -2.38 20.02
CA LEU A 68 -23.10 -3.71 20.55
C LEU A 68 -24.36 -4.28 21.22
N VAL A 69 -24.84 -5.44 20.77
CA VAL A 69 -26.04 -6.14 21.32
C VAL A 69 -25.66 -7.55 21.80
N PHE A 70 -25.87 -7.80 23.08
CA PHE A 70 -25.77 -9.13 23.73
C PHE A 70 -27.16 -9.77 23.76
N GLY A 71 -27.21 -11.07 23.51
CA GLY A 71 -28.45 -11.84 23.61
C GLY A 71 -28.21 -13.26 23.17
N PHE A 72 -29.28 -14.02 23.04
CA PHE A 72 -29.27 -15.42 22.54
C PHE A 72 -29.80 -15.41 21.11
N LEU A 73 -29.03 -16.02 20.21
CA LEU A 73 -29.44 -16.33 18.83
C LEU A 73 -29.59 -17.85 18.76
N ASN A 74 -30.83 -18.33 18.67
CA ASN A 74 -31.13 -19.79 18.54
C ASN A 74 -30.49 -20.46 19.77
N GLY A 75 -30.66 -19.85 20.94
CA GLY A 75 -30.15 -20.43 22.21
C GLY A 75 -28.68 -20.18 22.49
N ARG A 76 -27.91 -19.63 21.55
CA ARG A 76 -26.43 -19.46 21.71
C ARG A 76 -26.11 -18.03 22.14
N ALA A 77 -25.30 -17.87 23.20
CA ALA A 77 -24.80 -16.57 23.72
C ALA A 77 -23.92 -15.89 22.65
N CYS A 78 -24.38 -14.73 22.19
CA CYS A 78 -23.85 -13.92 21.07
C CYS A 78 -23.54 -12.51 21.57
N VAL A 79 -22.47 -11.95 21.03
CA VAL A 79 -22.31 -10.47 21.01
C VAL A 79 -22.26 -10.07 19.53
N MET A 80 -23.08 -9.09 19.16
CA MET A 80 -23.28 -8.68 17.74
C MET A 80 -22.89 -7.22 17.58
N MET A 81 -22.05 -6.94 16.59
CA MET A 81 -21.75 -5.59 16.11
C MET A 81 -22.68 -5.35 14.94
N GLN A 82 -23.62 -4.40 15.05
CA GLN A 82 -24.66 -4.18 14.00
C GLN A 82 -23.99 -3.63 12.74
N GLY A 83 -23.06 -2.71 12.95
CA GLY A 83 -22.19 -2.14 11.92
C GLY A 83 -20.75 -2.20 12.35
N ARG A 84 -19.84 -2.13 11.38
CA ARG A 84 -18.38 -2.16 11.57
C ARG A 84 -17.78 -0.91 10.96
N PHE A 85 -16.54 -0.60 11.36
CA PHE A 85 -15.72 0.51 10.82
C PHE A 85 -15.00 0.03 9.56
N HIS A 86 -14.91 0.91 8.58
CA HIS A 86 -14.16 0.72 7.32
C HIS A 86 -12.99 1.71 7.24
N MET A 87 -11.89 1.25 6.69
CA MET A 87 -10.74 2.10 6.29
C MET A 87 -11.22 3.30 5.46
N TYR A 88 -12.11 3.06 4.49
CA TYR A 88 -12.54 4.11 3.53
C TYR A 88 -13.27 5.24 4.28
N GLU A 89 -13.76 4.99 5.50
CA GLU A 89 -14.48 6.01 6.31
C GLU A 89 -13.45 6.91 7.02
N GLY A 90 -12.18 6.54 7.02
CA GLY A 90 -11.09 7.32 7.64
C GLY A 90 -10.66 6.76 8.99
N TYR A 91 -11.17 5.58 9.39
CA TYR A 91 -10.80 4.89 10.66
C TYR A 91 -9.44 4.22 10.47
N PRO A 92 -8.47 4.45 11.37
CA PRO A 92 -7.28 3.60 11.44
C PRO A 92 -7.62 2.15 11.83
N LEU A 93 -6.82 1.20 11.37
CA LEU A 93 -7.07 -0.24 11.58
C LEU A 93 -7.07 -0.58 13.08
N TRP A 94 -6.39 0.18 13.94
CA TRP A 94 -6.40 -0.11 15.39
C TRP A 94 -7.75 0.31 16.02
N LYS A 95 -8.53 1.13 15.31
CA LYS A 95 -9.93 1.42 15.71
C LYS A 95 -10.86 0.36 15.13
N VAL A 96 -10.70 0.04 13.85
CA VAL A 96 -11.53 -1.00 13.17
C VAL A 96 -11.54 -2.26 14.06
N THR A 97 -10.36 -2.68 14.54
CA THR A 97 -10.15 -4.01 15.16
C THR A 97 -10.29 -3.91 16.69
N PHE A 98 -10.45 -2.70 17.23
CA PHE A 98 -10.58 -2.55 18.71
C PHE A 98 -11.58 -3.57 19.28
N PRO A 99 -12.81 -3.70 18.75
CA PRO A 99 -13.80 -4.61 19.33
C PRO A 99 -13.32 -6.07 19.40
N VAL A 100 -12.52 -6.50 18.43
CA VAL A 100 -12.06 -7.92 18.39
C VAL A 100 -11.23 -8.21 19.64
N ARG A 101 -10.36 -7.29 20.08
CA ARG A 101 -9.59 -7.50 21.33
C ARG A 101 -10.57 -7.59 22.51
N VAL A 102 -11.58 -6.74 22.54
CA VAL A 102 -12.53 -6.72 23.69
C VAL A 102 -13.28 -8.06 23.72
N PHE A 103 -13.72 -8.54 22.56
CA PHE A 103 -14.45 -9.82 22.44
C PHE A 103 -13.62 -10.93 23.09
N HIS A 104 -12.36 -11.04 22.68
CA HIS A 104 -11.35 -11.98 23.23
C HIS A 104 -11.36 -11.88 24.77
N LEU A 105 -11.30 -10.67 25.34
CA LEU A 105 -11.17 -10.50 26.81
C LEU A 105 -12.49 -10.82 27.53
N LEU A 106 -13.65 -10.74 26.85
CA LEU A 106 -14.98 -11.16 27.38
C LEU A 106 -15.12 -12.69 27.41
N GLY A 107 -14.23 -13.43 26.74
CA GLY A 107 -14.24 -14.90 26.67
C GLY A 107 -14.81 -15.43 25.36
N VAL A 108 -15.05 -14.59 24.35
CA VAL A 108 -15.53 -15.07 23.02
C VAL A 108 -14.47 -16.03 22.47
N ASP A 109 -14.85 -17.19 21.94
CA ASP A 109 -13.86 -18.11 21.31
C ASP A 109 -14.06 -18.17 19.79
N THR A 110 -15.15 -17.61 19.27
CA THR A 110 -15.48 -17.70 17.83
C THR A 110 -15.93 -16.34 17.31
N LEU A 111 -15.39 -15.96 16.15
CA LEU A 111 -15.80 -14.78 15.39
C LEU A 111 -16.48 -15.23 14.10
N VAL A 112 -17.68 -14.72 13.89
CA VAL A 112 -18.39 -14.74 12.60
C VAL A 112 -18.27 -13.33 12.04
N VAL A 113 -17.77 -13.23 10.81
CA VAL A 113 -17.56 -11.92 10.15
C VAL A 113 -18.17 -12.04 8.76
N THR A 114 -19.12 -11.18 8.41
CA THR A 114 -19.72 -11.22 7.05
C THR A 114 -19.45 -9.90 6.32
N ASN A 115 -19.60 -9.93 5.01
CA ASN A 115 -19.40 -8.72 4.21
C ASN A 115 -20.21 -8.83 2.92
N ALA A 116 -20.19 -7.73 2.15
CA ALA A 116 -20.56 -7.71 0.73
C ALA A 116 -19.25 -7.69 -0.07
N ALA A 117 -19.24 -8.25 -1.28
CA ALA A 117 -18.04 -8.25 -2.15
C ALA A 117 -18.47 -8.32 -3.62
N GLY A 118 -17.60 -7.87 -4.52
CA GLY A 118 -17.78 -8.02 -5.97
C GLY A 118 -17.24 -9.36 -6.41
N GLY A 119 -17.99 -10.10 -7.24
CA GLY A 119 -17.53 -11.37 -7.82
C GLY A 119 -16.45 -11.11 -8.83
N LEU A 120 -15.28 -11.73 -8.63
CA LEU A 120 -14.20 -11.80 -9.63
C LEU A 120 -14.27 -13.13 -10.37
N ASN A 121 -14.61 -14.22 -9.67
CA ASN A 121 -14.78 -15.55 -10.31
C ASN A 121 -15.99 -15.45 -11.24
N PRO A 122 -15.84 -15.71 -12.56
CA PRO A 122 -16.97 -15.59 -13.47
C PRO A 122 -18.11 -16.57 -13.16
N LYS A 123 -17.86 -17.63 -12.38
CA LYS A 123 -18.92 -18.60 -12.00
C LYS A 123 -19.90 -17.91 -11.04
N PHE A 124 -19.50 -16.87 -10.33
CA PHE A 124 -20.34 -16.30 -9.25
C PHE A 124 -21.49 -15.49 -9.86
N GLU A 125 -22.65 -15.54 -9.22
CA GLU A 125 -23.86 -14.80 -9.60
C GLU A 125 -24.20 -13.87 -8.43
N VAL A 126 -24.84 -12.75 -8.73
CA VAL A 126 -25.33 -11.78 -7.70
C VAL A 126 -26.32 -12.53 -6.81
N GLY A 127 -26.17 -12.39 -5.50
CA GLY A 127 -26.95 -13.10 -4.47
C GLY A 127 -26.25 -14.36 -4.00
N ASP A 128 -25.18 -14.77 -4.66
CA ASP A 128 -24.37 -15.91 -4.16
C ASP A 128 -23.80 -15.56 -2.79
N ILE A 129 -23.56 -16.59 -1.99
CA ILE A 129 -22.82 -16.53 -0.71
C ILE A 129 -21.52 -17.31 -0.92
N MET A 130 -20.39 -16.63 -0.71
CA MET A 130 -19.03 -17.25 -0.80
C MET A 130 -18.44 -17.35 0.62
N LEU A 131 -18.29 -18.59 1.09
CA LEU A 131 -17.47 -18.92 2.27
C LEU A 131 -16.04 -18.47 1.96
N ILE A 132 -15.48 -17.67 2.86
CA ILE A 132 -14.08 -17.21 2.75
C ILE A 132 -13.20 -18.38 3.17
N ARG A 133 -12.40 -18.90 2.25
CA ARG A 133 -11.44 -19.98 2.52
C ARG A 133 -10.04 -19.40 2.74
N ASP A 134 -9.80 -18.18 2.28
CA ASP A 134 -8.46 -17.55 2.32
C ASP A 134 -8.63 -16.07 1.98
N HIS A 135 -7.60 -15.27 2.21
CA HIS A 135 -7.60 -13.83 1.88
C HIS A 135 -6.24 -13.39 1.35
N ILE A 136 -6.28 -12.27 0.62
CA ILE A 136 -5.13 -11.48 0.12
C ILE A 136 -5.27 -10.11 0.73
N ASN A 137 -4.40 -9.83 1.69
CA ASN A 137 -4.37 -8.53 2.42
C ASN A 137 -3.51 -7.52 1.64
N LEU A 138 -4.05 -6.92 0.58
CA LEU A 138 -3.24 -5.93 -0.21
C LEU A 138 -2.85 -4.75 0.70
N PRO A 139 -3.74 -4.15 1.51
CA PRO A 139 -3.29 -3.08 2.42
C PRO A 139 -2.17 -3.51 3.38
N GLY A 140 -2.28 -4.74 3.88
CA GLY A 140 -1.28 -5.43 4.73
C GLY A 140 0.10 -5.37 4.16
N PHE A 141 0.25 -5.63 2.85
CA PHE A 141 1.58 -5.73 2.18
C PHE A 141 2.36 -4.43 2.35
N SER A 142 1.63 -3.30 2.36
CA SER A 142 2.16 -1.92 2.27
C SER A 142 2.31 -1.27 3.64
N GLY A 143 1.79 -1.87 4.71
CA GLY A 143 1.95 -1.31 6.07
C GLY A 143 0.65 -1.24 6.82
N GLN A 144 -0.49 -1.34 6.14
CA GLN A 144 -1.83 -1.24 6.78
C GLN A 144 -2.23 -2.62 7.28
N ASN A 145 -1.52 -3.07 8.31
CA ASN A 145 -1.77 -4.30 9.09
C ASN A 145 -2.13 -3.84 10.50
N PRO A 146 -3.26 -4.30 11.06
CA PRO A 146 -3.71 -3.86 12.40
C PRO A 146 -2.77 -4.20 13.56
N LEU A 147 -1.80 -5.08 13.32
CA LEU A 147 -0.82 -5.50 14.35
C LEU A 147 0.39 -4.56 14.36
N ARG A 148 0.52 -3.69 13.36
CA ARG A 148 1.65 -2.73 13.29
C ARG A 148 1.76 -1.98 14.63
N GLY A 149 2.96 -1.91 15.18
CA GLY A 149 3.19 -1.28 16.48
C GLY A 149 3.71 -2.34 17.44
N PRO A 150 3.97 -1.96 18.71
CA PRO A 150 4.35 -2.91 19.74
C PRO A 150 3.34 -4.05 19.93
N ASN A 151 3.85 -5.25 20.14
CA ASN A 151 3.01 -6.45 20.38
C ASN A 151 2.87 -6.61 21.89
N ASP A 152 1.65 -6.84 22.37
CA ASP A 152 1.41 -7.34 23.75
C ASP A 152 1.27 -8.86 23.69
N GLU A 153 2.20 -9.53 24.36
CA GLU A 153 2.29 -11.00 24.54
C GLU A 153 1.02 -11.50 25.22
N ARG A 154 0.25 -10.63 25.87
CA ARG A 154 -1.04 -11.03 26.50
C ARG A 154 -2.07 -11.35 25.42
N PHE A 155 -1.99 -10.73 24.25
CA PHE A 155 -2.92 -11.03 23.12
C PHE A 155 -2.36 -12.20 22.33
N GLY A 156 -1.10 -12.11 21.88
CA GLY A 156 -0.55 -13.17 21.00
C GLY A 156 0.88 -12.91 20.61
N ASP A 157 1.36 -13.66 19.63
CA ASP A 157 2.77 -13.65 19.15
C ASP A 157 3.06 -12.35 18.38
N ARG A 158 4.32 -11.95 18.36
CA ARG A 158 4.83 -10.82 17.55
C ARG A 158 4.52 -11.09 16.07
N PHE A 159 4.68 -12.33 15.61
CA PHE A 159 4.62 -12.77 14.19
C PHE A 159 3.62 -13.91 14.03
N PRO A 160 2.29 -13.64 14.12
CA PRO A 160 1.29 -14.70 14.01
C PRO A 160 1.14 -15.19 12.56
N ALA A 161 0.99 -16.49 12.39
CA ALA A 161 0.69 -17.16 11.09
C ALA A 161 -0.78 -16.93 10.70
N MET A 162 -1.05 -16.74 9.40
CA MET A 162 -2.44 -16.53 8.90
C MET A 162 -2.82 -17.63 7.90
N SER A 163 -1.96 -18.63 7.69
CA SER A 163 -2.20 -19.69 6.67
C SER A 163 -3.36 -20.60 7.10
N ASP A 164 -3.76 -20.63 8.37
CA ASP A 164 -4.90 -21.48 8.82
C ASP A 164 -6.02 -20.61 9.40
N ALA A 165 -6.24 -19.41 8.90
CA ALA A 165 -7.12 -18.42 9.58
C ALA A 165 -8.59 -18.85 9.55
N TYR A 166 -9.06 -19.47 8.46
CA TYR A 166 -10.50 -19.73 8.22
C TYR A 166 -10.83 -21.18 8.59
N ASP A 167 -11.37 -21.37 9.77
CA ASP A 167 -11.65 -22.66 10.44
C ASP A 167 -12.35 -23.64 9.48
N ARG A 168 -11.79 -24.81 9.28
CA ARG A 168 -12.37 -25.88 8.44
C ARG A 168 -13.74 -26.31 9.00
N THR A 169 -13.85 -26.54 10.31
CA THR A 169 -15.08 -27.12 10.90
C THR A 169 -16.24 -26.16 10.64
N MET A 170 -16.03 -24.87 10.92
CA MET A 170 -17.09 -23.83 10.75
C MET A 170 -17.57 -23.89 9.29
N ARG A 171 -16.66 -24.04 8.34
CA ARG A 171 -17.02 -24.03 6.91
C ARG A 171 -17.81 -25.31 6.61
N GLN A 172 -17.42 -26.45 7.21
CA GLN A 172 -18.09 -27.77 7.04
C GLN A 172 -19.55 -27.64 7.44
N ARG A 173 -19.79 -26.95 8.54
CA ARG A 173 -21.11 -26.78 9.18
C ARG A 173 -21.94 -25.71 8.48
N ALA A 174 -21.29 -24.70 7.87
CA ALA A 174 -22.00 -23.76 6.98
C ALA A 174 -22.64 -24.57 5.84
N LEU A 175 -21.90 -25.48 5.22
CA LEU A 175 -22.33 -26.30 4.04
C LEU A 175 -23.47 -27.26 4.43
N SER A 176 -23.34 -27.97 5.55
CA SER A 176 -24.39 -28.82 6.18
C SER A 176 -25.67 -28.01 6.35
N THR A 177 -25.60 -26.93 7.12
CA THR A 177 -26.74 -26.03 7.35
C THR A 177 -27.40 -25.73 6.00
N TRP A 178 -26.58 -25.36 5.03
CA TRP A 178 -27.07 -24.92 3.70
C TRP A 178 -27.74 -26.10 2.98
N LYS A 179 -27.11 -27.29 3.06
CA LYS A 179 -27.61 -28.58 2.50
C LYS A 179 -29.02 -28.85 3.04
N GLN A 180 -29.22 -28.69 4.34
CA GLN A 180 -30.48 -28.99 5.04
C GLN A 180 -31.55 -27.93 4.77
N MET A 181 -31.17 -26.72 4.34
CA MET A 181 -32.13 -25.69 3.85
C MET A 181 -32.60 -26.12 2.44
N GLY A 182 -31.94 -27.12 1.86
CA GLY A 182 -32.32 -27.71 0.56
C GLY A 182 -32.35 -26.67 -0.54
N GLU A 183 -31.55 -25.61 -0.40
CA GLU A 183 -31.51 -24.44 -1.31
C GLU A 183 -31.13 -24.87 -2.74
N GLN A 184 -31.46 -24.04 -3.73
CA GLN A 184 -31.31 -24.38 -5.18
C GLN A 184 -29.83 -24.30 -5.59
N ARG A 185 -29.18 -23.14 -5.34
CA ARG A 185 -27.75 -22.85 -5.62
C ARG A 185 -26.82 -23.41 -4.51
N GLU A 186 -25.67 -23.95 -4.89
CA GLU A 186 -24.56 -24.25 -3.96
C GLU A 186 -24.06 -22.96 -3.28
N LEU A 187 -23.60 -23.06 -2.04
CA LEU A 187 -22.66 -22.05 -1.47
C LEU A 187 -21.45 -21.99 -2.40
N GLN A 188 -20.85 -20.80 -2.59
CA GLN A 188 -19.50 -20.70 -3.21
C GLN A 188 -18.44 -20.70 -2.11
N GLU A 189 -17.19 -20.92 -2.50
CA GLU A 189 -16.04 -20.90 -1.56
C GLU A 189 -14.88 -20.27 -2.33
N GLY A 190 -14.09 -19.40 -1.70
CA GLY A 190 -12.97 -18.82 -2.43
C GLY A 190 -12.16 -17.83 -1.64
N THR A 191 -11.25 -17.16 -2.35
CA THR A 191 -10.32 -16.15 -1.78
C THR A 191 -10.96 -14.77 -1.88
N TYR A 192 -11.07 -14.10 -0.74
CA TYR A 192 -11.42 -12.67 -0.63
C TYR A 192 -10.16 -11.82 -0.64
N VAL A 193 -10.09 -10.84 -1.53
CA VAL A 193 -9.01 -9.81 -1.54
C VAL A 193 -9.61 -8.54 -0.95
N MET A 194 -8.94 -8.00 0.05
CA MET A 194 -9.28 -6.68 0.60
C MET A 194 -8.57 -5.59 -0.22
N VAL A 195 -9.31 -4.57 -0.62
CA VAL A 195 -8.83 -3.26 -1.15
C VAL A 195 -9.43 -2.18 -0.25
N ALA A 196 -8.77 -1.04 -0.15
CA ALA A 196 -9.21 0.07 0.73
C ALA A 196 -10.51 0.69 0.22
N GLY A 197 -10.75 0.73 -1.09
CA GLY A 197 -11.91 1.44 -1.66
C GLY A 197 -11.81 2.93 -1.33
N PRO A 198 -12.89 3.73 -1.39
CA PRO A 198 -14.26 3.26 -1.64
C PRO A 198 -14.73 3.24 -3.11
N SER A 199 -13.89 3.71 -4.04
CA SER A 199 -14.23 3.71 -5.48
C SER A 199 -14.17 2.26 -6.00
N PHE A 200 -15.00 1.92 -6.98
CA PHE A 200 -15.02 0.57 -7.56
C PHE A 200 -13.85 0.48 -8.56
N GLU A 201 -13.42 -0.75 -8.84
CA GLU A 201 -12.24 -1.08 -9.67
C GLU A 201 -12.49 -0.65 -11.12
N THR A 202 -11.43 -0.20 -11.77
CA THR A 202 -11.32 -0.12 -13.24
C THR A 202 -11.28 -1.56 -13.78
N VAL A 203 -11.45 -1.69 -15.08
CA VAL A 203 -11.26 -3.00 -15.77
C VAL A 203 -9.84 -3.51 -15.54
N ALA A 204 -8.81 -2.68 -15.71
CA ALA A 204 -7.38 -3.08 -15.58
C ALA A 204 -7.15 -3.59 -14.14
N GLU A 205 -7.73 -2.91 -13.14
CA GLU A 205 -7.66 -3.34 -11.71
C GLU A 205 -8.33 -4.71 -11.50
N CYS A 206 -9.53 -4.93 -12.06
CA CYS A 206 -10.25 -6.22 -11.98
C CYS A 206 -9.33 -7.31 -12.52
N ARG A 207 -8.71 -7.08 -13.67
CA ARG A 207 -7.81 -8.07 -14.28
C ARG A 207 -6.64 -8.37 -13.32
N VAL A 208 -6.08 -7.36 -12.68
CA VAL A 208 -5.00 -7.56 -11.68
C VAL A 208 -5.52 -8.53 -10.59
N LEU A 209 -6.66 -8.20 -9.98
CA LEU A 209 -7.20 -9.02 -8.85
C LEU A 209 -7.52 -10.45 -9.34
N GLN A 210 -7.98 -10.62 -10.58
CA GLN A 210 -8.24 -11.98 -11.15
C GLN A 210 -6.90 -12.75 -11.24
N LYS A 211 -5.88 -12.11 -11.82
CA LYS A 211 -4.53 -12.68 -12.05
C LYS A 211 -3.87 -13.04 -10.71
N LEU A 212 -4.17 -12.27 -9.66
CA LEU A 212 -3.67 -12.54 -8.30
C LEU A 212 -4.34 -13.79 -7.70
N GLY A 213 -5.45 -14.27 -8.29
CA GLY A 213 -6.16 -15.47 -7.82
C GLY A 213 -7.30 -15.15 -6.86
N ALA A 214 -7.74 -13.89 -6.70
CA ALA A 214 -8.93 -13.51 -5.88
C ALA A 214 -10.24 -13.96 -6.54
N ASP A 215 -11.22 -14.46 -5.76
CA ASP A 215 -12.56 -14.87 -6.27
C ASP A 215 -13.58 -13.75 -6.02
N ALA A 216 -13.34 -12.96 -4.98
CA ALA A 216 -14.20 -11.83 -4.61
C ALA A 216 -13.32 -10.70 -4.04
N VAL A 217 -13.81 -9.46 -4.16
CA VAL A 217 -13.11 -8.24 -3.66
C VAL A 217 -14.07 -7.42 -2.80
N GLY A 218 -13.58 -6.95 -1.66
CA GLY A 218 -14.33 -6.05 -0.77
C GLY A 218 -13.39 -5.14 0.02
N MET A 219 -13.95 -4.42 0.97
CA MET A 219 -13.29 -3.28 1.61
C MET A 219 -13.22 -3.49 3.13
N SER A 220 -13.31 -4.73 3.63
CA SER A 220 -13.40 -4.95 5.09
C SER A 220 -12.79 -6.29 5.50
N THR A 221 -13.01 -6.67 6.77
CA THR A 221 -13.01 -8.08 7.26
C THR A 221 -11.60 -8.58 7.52
N VAL A 222 -10.67 -8.47 6.57
CA VAL A 222 -9.30 -9.04 6.72
C VAL A 222 -8.67 -8.50 8.01
N PRO A 223 -8.73 -7.19 8.33
CA PRO A 223 -8.08 -6.69 9.53
C PRO A 223 -8.65 -7.33 10.81
N GLU A 224 -9.97 -7.52 10.86
CA GLU A 224 -10.69 -8.19 11.99
C GLU A 224 -10.23 -9.64 12.10
N VAL A 225 -10.11 -10.31 10.96
CA VAL A 225 -9.65 -11.71 10.91
C VAL A 225 -8.22 -11.80 11.47
N ILE A 226 -7.34 -10.88 11.09
CA ILE A 226 -5.90 -10.92 11.54
C ILE A 226 -5.85 -10.73 13.07
N VAL A 227 -6.59 -9.76 13.59
CA VAL A 227 -6.59 -9.55 15.06
C VAL A 227 -7.23 -10.75 15.78
N ALA A 228 -8.32 -11.32 15.24
CA ALA A 228 -9.02 -12.46 15.84
C ALA A 228 -8.02 -13.61 15.98
N ARG A 229 -7.35 -13.95 14.89
CA ARG A 229 -6.31 -15.01 14.84
C ARG A 229 -5.13 -14.68 15.76
N HIS A 230 -4.65 -13.44 15.84
CA HIS A 230 -3.57 -13.07 16.77
C HIS A 230 -3.95 -13.51 18.19
N CYS A 231 -5.22 -13.31 18.55
CA CYS A 231 -5.85 -13.58 19.86
C CYS A 231 -6.16 -15.06 20.03
N GLY A 232 -6.22 -15.83 18.94
CA GLY A 232 -6.52 -17.27 19.00
C GLY A 232 -7.99 -17.61 18.80
N LEU A 233 -8.88 -16.67 18.45
CA LEU A 233 -10.30 -17.00 18.14
C LEU A 233 -10.34 -17.87 16.88
N ARG A 234 -11.32 -18.75 16.76
CA ARG A 234 -11.62 -19.41 15.48
C ARG A 234 -12.52 -18.46 14.67
N VAL A 235 -12.36 -18.51 13.36
CA VAL A 235 -12.90 -17.49 12.46
C VAL A 235 -13.69 -18.17 11.35
N PHE A 236 -14.90 -17.65 11.19
CA PHE A 236 -15.82 -17.98 10.09
C PHE A 236 -16.20 -16.71 9.34
N GLY A 237 -16.10 -16.72 8.00
CA GLY A 237 -16.46 -15.56 7.18
C GLY A 237 -17.22 -15.92 5.93
N PHE A 238 -18.10 -15.05 5.47
CA PHE A 238 -18.62 -15.19 4.08
C PHE A 238 -18.93 -13.84 3.46
N SER A 239 -18.99 -13.86 2.13
CA SER A 239 -19.29 -12.69 1.30
C SER A 239 -20.67 -12.87 0.66
N LEU A 240 -21.54 -11.86 0.76
CA LEU A 240 -22.65 -11.70 -0.20
C LEU A 240 -22.07 -11.10 -1.49
N ILE A 241 -22.18 -11.80 -2.60
CA ILE A 241 -21.76 -11.28 -3.93
C ILE A 241 -22.86 -10.34 -4.40
N THR A 242 -22.60 -9.03 -4.34
CA THR A 242 -23.62 -7.98 -4.60
C THR A 242 -23.60 -7.55 -6.07
N ASN A 243 -22.57 -7.91 -6.86
CA ASN A 243 -22.30 -7.41 -8.24
C ASN A 243 -21.15 -8.25 -8.82
N LYS A 244 -21.13 -8.41 -10.14
CA LYS A 244 -19.99 -9.01 -10.86
C LYS A 244 -19.09 -7.88 -11.37
N VAL A 245 -17.88 -7.81 -10.84
CA VAL A 245 -16.85 -6.81 -11.23
C VAL A 245 -16.73 -6.81 -12.75
N ILE A 246 -16.65 -5.63 -13.37
CA ILE A 246 -16.54 -5.47 -14.84
C ILE A 246 -15.11 -5.76 -15.29
N MET A 247 -14.97 -6.70 -16.23
CA MET A 247 -13.65 -7.30 -16.58
C MET A 247 -13.33 -7.09 -18.08
N ASP A 248 -14.14 -6.35 -18.82
CA ASP A 248 -13.71 -5.98 -20.20
C ASP A 248 -14.33 -4.66 -20.63
N TYR A 249 -13.77 -4.10 -21.70
CA TYR A 249 -14.05 -2.72 -22.16
C TYR A 249 -15.36 -2.70 -22.92
N GLU A 250 -15.89 -3.84 -23.34
CA GLU A 250 -17.08 -3.93 -24.22
C GLU A 250 -18.36 -4.00 -23.38
N SER A 251 -18.28 -4.35 -22.09
CA SER A 251 -19.47 -4.46 -21.22
C SER A 251 -20.19 -3.11 -21.24
N LEU A 252 -21.52 -3.11 -21.16
CA LEU A 252 -22.35 -1.89 -21.03
C LEU A 252 -22.69 -1.68 -19.56
N GLU A 253 -22.35 -2.66 -18.71
CA GLU A 253 -22.65 -2.63 -17.24
C GLU A 253 -21.59 -1.82 -16.50
N LYS A 254 -21.87 -1.53 -15.23
CA LYS A 254 -21.01 -0.69 -14.38
C LYS A 254 -21.45 -0.88 -12.93
N ALA A 255 -20.52 -1.25 -12.04
CA ALA A 255 -20.75 -1.33 -10.57
C ALA A 255 -21.44 -0.04 -10.13
N ASN A 256 -22.39 -0.11 -9.22
CA ASN A 256 -22.97 1.13 -8.66
C ASN A 256 -23.65 0.89 -7.32
N HIS A 257 -23.65 1.94 -6.50
CA HIS A 257 -24.17 1.94 -5.11
C HIS A 257 -25.62 1.40 -5.08
N GLU A 258 -26.49 1.91 -5.97
CA GLU A 258 -27.95 1.58 -5.98
C GLU A 258 -28.15 0.07 -6.18
N GLU A 259 -27.47 -0.55 -7.14
CA GLU A 259 -27.57 -2.00 -7.39
C GLU A 259 -27.04 -2.81 -6.20
N VAL A 260 -25.92 -2.43 -5.59
CA VAL A 260 -25.35 -3.25 -4.50
C VAL A 260 -26.23 -3.09 -3.24
N LEU A 261 -26.82 -1.91 -2.99
CA LEU A 261 -27.86 -1.75 -1.91
C LEU A 261 -29.05 -2.69 -2.17
N ALA A 262 -29.60 -2.68 -3.38
CA ALA A 262 -30.72 -3.57 -3.81
C ALA A 262 -30.33 -5.04 -3.56
N ALA A 263 -29.10 -5.44 -3.87
CA ALA A 263 -28.64 -6.84 -3.68
C ALA A 263 -28.63 -7.18 -2.18
N GLY A 264 -28.17 -6.24 -1.36
CA GLY A 264 -28.14 -6.45 0.09
C GLY A 264 -29.55 -6.60 0.63
N LYS A 265 -30.44 -5.68 0.25
CA LYS A 265 -31.84 -5.62 0.72
C LYS A 265 -32.57 -6.94 0.35
N GLN A 266 -32.38 -7.43 -0.87
CA GLN A 266 -32.96 -8.70 -1.40
C GLN A 266 -32.40 -9.94 -0.66
N ALA A 267 -31.13 -9.95 -0.28
CA ALA A 267 -30.48 -11.13 0.34
C ALA A 267 -30.73 -11.08 1.85
N ALA A 268 -31.19 -9.96 2.37
CA ALA A 268 -31.11 -9.68 3.82
C ALA A 268 -31.77 -10.83 4.61
N GLN A 269 -33.01 -11.20 4.30
CA GLN A 269 -33.77 -12.15 5.16
C GLN A 269 -33.22 -13.56 4.99
N LYS A 270 -32.84 -13.93 3.78
CA LYS A 270 -32.15 -15.21 3.49
C LYS A 270 -30.90 -15.31 4.37
N LEU A 271 -30.13 -14.22 4.50
CA LEU A 271 -28.85 -14.21 5.27
C LEU A 271 -29.15 -14.37 6.75
N GLU A 272 -30.18 -13.69 7.26
CA GLU A 272 -30.57 -13.79 8.70
C GLU A 272 -31.01 -15.22 9.00
N GLN A 273 -31.67 -15.86 8.04
CA GLN A 273 -32.22 -17.23 8.18
C GLN A 273 -31.01 -18.16 8.30
N PHE A 274 -30.13 -18.05 7.30
CA PHE A 274 -28.89 -18.85 7.20
C PHE A 274 -28.13 -18.81 8.52
N VAL A 275 -27.82 -17.62 9.04
CA VAL A 275 -26.94 -17.46 10.22
C VAL A 275 -27.68 -17.93 11.47
N SER A 276 -28.96 -17.57 11.60
CA SER A 276 -29.85 -17.99 12.72
C SER A 276 -29.76 -19.52 12.88
N ILE A 277 -29.81 -20.27 11.79
CA ILE A 277 -29.83 -21.75 11.82
C ILE A 277 -28.41 -22.26 12.12
N LEU A 278 -27.41 -21.75 11.39
CA LEU A 278 -25.97 -22.07 11.59
C LEU A 278 -25.58 -21.96 13.07
N MET A 279 -26.11 -20.98 13.81
CA MET A 279 -25.82 -20.80 15.26
C MET A 279 -25.89 -22.15 16.00
N ALA A 280 -26.97 -22.88 15.76
CA ALA A 280 -27.30 -24.17 16.38
C ALA A 280 -26.12 -25.15 16.19
N SER A 281 -25.33 -25.02 15.12
CA SER A 281 -24.28 -25.98 14.70
C SER A 281 -22.88 -25.52 15.10
N ILE A 282 -22.73 -24.39 15.79
CA ILE A 282 -21.38 -23.88 16.14
C ILE A 282 -20.81 -24.71 17.27
N PRO A 283 -19.54 -25.21 17.19
CA PRO A 283 -18.96 -26.00 18.27
C PRO A 283 -19.10 -25.32 19.63
N LEU A 284 -19.28 -26.12 20.68
CA LEU A 284 -19.41 -25.64 22.07
C LEU A 284 -18.02 -25.23 22.54
N PRO A 285 -17.92 -24.42 23.62
CA PRO A 285 -16.62 -24.13 24.22
C PRO A 285 -15.93 -25.47 24.55
N ASP A 286 -14.59 -25.44 24.67
CA ASP A 286 -13.75 -26.66 24.84
C ASP A 286 -13.86 -27.14 26.30
N LYS A 287 -14.07 -28.45 26.52
CA LYS A 287 -14.08 -29.08 27.88
C LYS A 287 -12.62 -29.35 28.29
N GLY B 4 -8.86 17.59 5.39
CA GLY B 4 -9.69 17.94 6.58
C GLY B 4 -10.44 19.25 6.36
N TYR B 5 -11.15 19.39 5.23
CA TYR B 5 -12.07 20.51 4.94
C TYR B 5 -13.51 19.98 4.88
N THR B 6 -14.50 20.82 5.16
CA THR B 6 -15.92 20.51 4.84
C THR B 6 -16.35 21.27 3.58
N TYR B 7 -17.57 20.99 3.13
CA TYR B 7 -18.13 21.51 1.86
C TYR B 7 -18.06 23.04 1.92
N GLU B 8 -18.30 23.59 3.10
CA GLU B 8 -18.29 25.05 3.34
C GLU B 8 -16.92 25.64 2.99
N ASP B 9 -15.82 24.93 3.30
CA ASP B 9 -14.46 25.38 2.94
C ASP B 9 -14.32 25.43 1.40
N TYR B 10 -14.64 24.35 0.67
CA TYR B 10 -14.51 24.35 -0.81
C TYR B 10 -15.35 25.48 -1.42
N LYS B 11 -16.56 25.68 -0.90
CA LYS B 11 -17.51 26.72 -1.36
C LYS B 11 -16.88 28.10 -1.17
N ASN B 12 -16.33 28.35 0.02
CA ASN B 12 -15.66 29.63 0.33
C ASN B 12 -14.59 29.91 -0.72
N THR B 13 -13.77 28.91 -1.07
CA THR B 13 -12.65 29.04 -2.03
C THR B 13 -13.21 29.36 -3.42
N ALA B 14 -14.16 28.56 -3.91
CA ALA B 14 -14.81 28.77 -5.23
C ALA B 14 -15.43 30.18 -5.32
N GLU B 15 -16.16 30.63 -4.28
CA GLU B 15 -16.82 31.97 -4.26
C GLU B 15 -15.77 33.07 -4.28
N TRP B 16 -14.68 32.89 -3.53
CA TRP B 16 -13.54 33.84 -3.58
C TRP B 16 -13.04 33.96 -5.03
N LEU B 17 -12.82 32.85 -5.72
CA LEU B 17 -12.30 32.85 -7.12
C LEU B 17 -13.35 33.52 -8.05
N LEU B 18 -14.65 33.23 -7.84
CA LEU B 18 -15.74 33.72 -8.71
C LEU B 18 -15.84 35.24 -8.62
N SER B 19 -15.58 35.77 -7.42
CA SER B 19 -15.67 37.21 -7.12
C SER B 19 -14.34 37.93 -7.41
N HIS B 20 -13.26 37.24 -7.84
CA HIS B 20 -11.95 37.88 -8.14
C HIS B 20 -11.57 37.71 -9.61
N THR B 21 -12.38 37.01 -10.40
CA THR B 21 -12.16 36.91 -11.86
C THR B 21 -13.55 36.82 -12.50
N LYS B 22 -13.67 37.34 -13.71
CA LYS B 22 -14.90 37.28 -14.54
C LYS B 22 -14.85 36.02 -15.41
N HIS B 23 -13.67 35.37 -15.46
CA HIS B 23 -13.47 34.09 -16.19
C HIS B 23 -14.41 33.03 -15.62
N ARG B 24 -15.13 32.31 -16.48
CA ARG B 24 -16.03 31.22 -16.05
C ARG B 24 -15.62 29.97 -16.81
N PRO B 25 -14.70 29.16 -16.24
CA PRO B 25 -14.10 28.03 -16.94
C PRO B 25 -15.09 26.88 -17.09
N GLN B 26 -15.06 26.26 -18.26
CA GLN B 26 -15.72 24.95 -18.49
C GLN B 26 -14.71 23.83 -18.23
N VAL B 27 -13.46 24.01 -18.65
CA VAL B 27 -12.44 22.93 -18.73
C VAL B 27 -11.29 23.23 -17.74
N ALA B 28 -10.92 22.25 -16.90
CA ALA B 28 -9.71 22.33 -16.05
C ALA B 28 -8.62 21.51 -16.72
N ILE B 29 -7.41 22.04 -16.80
CA ILE B 29 -6.23 21.33 -17.36
C ILE B 29 -5.18 21.27 -16.26
N ILE B 30 -4.77 20.06 -15.90
CA ILE B 30 -3.62 19.91 -14.99
C ILE B 30 -2.39 19.62 -15.85
N CYS B 31 -1.45 20.55 -15.85
CA CYS B 31 -0.21 20.53 -16.66
C CYS B 31 0.83 19.65 -15.94
N GLY B 32 1.19 18.54 -16.56
CA GLY B 32 2.22 17.60 -16.05
C GLY B 32 3.62 18.16 -16.28
N SER B 33 4.65 17.46 -15.76
CA SER B 33 6.06 17.91 -15.82
C SER B 33 6.45 18.10 -17.29
N GLY B 34 7.08 19.23 -17.61
CA GLY B 34 7.50 19.60 -18.98
C GLY B 34 6.39 20.18 -19.85
N LEU B 35 5.18 20.43 -19.32
CA LEU B 35 4.00 20.83 -20.13
C LEU B 35 3.45 22.16 -19.62
N GLY B 36 4.26 22.89 -18.85
CA GLY B 36 3.88 24.15 -18.20
C GLY B 36 3.78 25.28 -19.20
N GLY B 37 4.37 25.10 -20.39
CA GLY B 37 4.27 26.04 -21.51
C GLY B 37 2.83 26.34 -21.91
N LEU B 38 1.90 25.42 -21.65
CA LEU B 38 0.49 25.53 -22.11
C LEU B 38 -0.16 26.84 -21.63
N THR B 39 0.24 27.37 -20.46
CA THR B 39 -0.33 28.62 -19.89
C THR B 39 -0.05 29.80 -20.81
N ASP B 40 0.95 29.68 -21.70
CA ASP B 40 1.35 30.76 -22.63
C ASP B 40 0.40 30.80 -23.83
N LYS B 41 -0.29 29.70 -24.13
CA LYS B 41 -1.28 29.62 -25.23
C LYS B 41 -2.66 30.19 -24.83
N LEU B 42 -2.87 30.56 -23.56
CA LEU B 42 -4.09 31.23 -23.07
C LEU B 42 -4.15 32.65 -23.62
N THR B 43 -5.35 33.15 -23.90
CA THR B 43 -5.67 34.57 -24.23
C THR B 43 -6.41 35.10 -23.00
N GLN B 44 -6.31 36.39 -22.72
CA GLN B 44 -6.98 37.05 -21.58
C GLN B 44 -6.57 36.34 -20.27
N ALA B 45 -5.34 35.83 -20.19
CA ALA B 45 -4.83 35.04 -19.04
C ALA B 45 -4.97 35.85 -17.74
N GLN B 46 -5.41 35.22 -16.65
CA GLN B 46 -5.41 35.82 -15.29
C GLN B 46 -4.83 34.79 -14.30
N ILE B 47 -3.75 35.19 -13.62
CA ILE B 47 -2.91 34.34 -12.74
C ILE B 47 -3.36 34.56 -11.30
N PHE B 48 -3.40 33.48 -10.53
CA PHE B 48 -3.52 33.46 -9.06
C PHE B 48 -2.44 32.50 -8.54
N ASP B 49 -1.56 32.98 -7.67
CA ASP B 49 -0.60 32.12 -6.94
C ASP B 49 -1.41 31.36 -5.89
N TYR B 50 -1.09 30.09 -5.67
CA TYR B 50 -1.81 29.23 -4.68
C TYR B 50 -1.79 29.95 -3.34
N GLY B 51 -0.65 30.54 -2.96
CA GLY B 51 -0.51 31.40 -1.77
C GLY B 51 -1.69 32.35 -1.58
N GLU B 52 -2.23 32.96 -2.63
CA GLU B 52 -3.21 34.07 -2.44
C GLU B 52 -4.64 33.51 -2.45
N ILE B 53 -4.82 32.21 -2.70
CA ILE B 53 -6.17 31.59 -2.75
C ILE B 53 -6.52 31.03 -1.37
N PRO B 54 -7.64 31.46 -0.74
CA PRO B 54 -8.05 30.89 0.54
C PRO B 54 -8.17 29.34 0.52
N ASN B 55 -7.64 28.70 1.57
CA ASN B 55 -7.69 27.24 1.87
C ASN B 55 -6.78 26.45 0.94
N PHE B 56 -6.16 27.08 -0.04
CA PHE B 56 -5.44 26.34 -1.10
C PHE B 56 -4.17 25.79 -0.49
N PRO B 57 -3.81 24.51 -0.73
CA PRO B 57 -2.51 23.99 -0.31
C PRO B 57 -1.36 24.75 -0.98
N ARG B 58 -0.44 25.29 -0.17
CA ARG B 58 0.78 25.97 -0.66
C ARG B 58 1.82 24.90 -1.06
N SER B 59 2.33 24.96 -2.30
CA SER B 59 3.49 24.17 -2.80
C SER B 59 4.77 24.67 -2.07
N THR B 60 5.66 23.76 -1.64
CA THR B 60 6.62 23.97 -0.51
C THR B 60 8.09 23.96 -0.98
N VAL B 61 8.39 23.64 -2.25
CA VAL B 61 9.77 23.69 -2.82
C VAL B 61 10.10 25.13 -3.20
N PRO B 62 11.33 25.64 -2.92
CA PRO B 62 11.69 27.04 -3.21
C PRO B 62 11.21 27.49 -4.60
N GLY B 63 11.63 26.75 -5.64
CA GLY B 63 11.33 27.04 -7.05
C GLY B 63 10.33 26.05 -7.63
N HIS B 64 9.13 26.00 -7.05
CA HIS B 64 7.95 25.26 -7.59
C HIS B 64 6.79 26.22 -7.88
N ALA B 65 6.49 26.44 -9.17
CA ALA B 65 5.36 27.26 -9.67
C ALA B 65 4.06 26.71 -9.09
N GLY B 66 3.48 27.41 -8.11
CA GLY B 66 2.12 27.17 -7.62
C GLY B 66 1.18 28.23 -8.15
N ARG B 67 0.75 28.14 -9.41
CA ARG B 67 -0.20 29.13 -10.01
C ARG B 67 -1.39 28.46 -10.70
N LEU B 68 -2.58 29.01 -10.43
CA LEU B 68 -3.83 28.82 -11.19
C LEU B 68 -3.91 29.91 -12.27
N VAL B 69 -4.13 29.52 -13.52
CA VAL B 69 -4.21 30.48 -14.65
C VAL B 69 -5.56 30.29 -15.37
N PHE B 70 -6.42 31.30 -15.30
CA PHE B 70 -7.72 31.34 -16.03
C PHE B 70 -7.53 32.03 -17.37
N GLY B 71 -8.25 31.59 -18.39
CA GLY B 71 -8.11 32.17 -19.74
C GLY B 71 -8.93 31.41 -20.74
N PHE B 72 -8.69 31.67 -22.02
CA PHE B 72 -9.37 30.95 -23.12
C PHE B 72 -8.27 30.21 -23.88
N LEU B 73 -8.47 28.93 -24.16
CA LEU B 73 -7.49 28.13 -24.93
C LEU B 73 -8.20 27.66 -26.20
N ASN B 74 -7.76 28.15 -27.35
CA ASN B 74 -8.39 27.83 -28.64
C ASN B 74 -9.90 28.13 -28.51
N GLY B 75 -10.22 29.27 -27.88
CA GLY B 75 -11.59 29.81 -27.73
C GLY B 75 -12.45 29.09 -26.72
N ARG B 76 -11.90 28.28 -25.79
CA ARG B 76 -12.70 27.59 -24.73
C ARG B 76 -12.25 28.05 -23.33
N ALA B 77 -13.22 28.46 -22.50
CA ALA B 77 -13.00 28.96 -21.12
C ALA B 77 -12.37 27.84 -20.26
N CYS B 78 -11.17 28.07 -19.75
CA CYS B 78 -10.51 27.01 -18.97
C CYS B 78 -9.74 27.61 -17.79
N VAL B 79 -9.33 26.71 -16.90
CA VAL B 79 -8.44 27.03 -15.76
C VAL B 79 -7.33 25.97 -15.78
N MET B 80 -6.09 26.43 -15.74
CA MET B 80 -4.90 25.54 -15.77
C MET B 80 -4.24 25.54 -14.39
N MET B 81 -3.85 24.35 -13.93
CA MET B 81 -2.85 24.13 -12.86
C MET B 81 -1.49 24.01 -13.54
N GLN B 82 -0.62 24.98 -13.27
CA GLN B 82 0.82 24.91 -13.63
C GLN B 82 1.54 24.52 -12.34
N GLY B 83 1.94 23.26 -12.24
CA GLY B 83 2.46 22.65 -11.01
C GLY B 83 1.35 21.94 -10.25
N ARG B 84 1.25 20.61 -10.41
CA ARG B 84 0.39 19.74 -9.56
C ARG B 84 1.17 19.32 -8.32
N PHE B 85 0.46 18.97 -7.24
CA PHE B 85 1.03 18.37 -6.01
C PHE B 85 1.21 16.87 -6.25
N HIS B 86 2.24 16.31 -5.59
CA HIS B 86 2.67 14.90 -5.71
C HIS B 86 2.80 14.30 -4.32
N MET B 87 2.25 13.10 -4.18
CA MET B 87 2.26 12.29 -2.95
C MET B 87 3.72 12.10 -2.50
N TYR B 88 4.67 11.96 -3.42
CA TYR B 88 6.09 11.71 -3.05
C TYR B 88 6.73 12.93 -2.37
N GLU B 89 6.21 14.15 -2.61
CA GLU B 89 6.68 15.44 -2.02
C GLU B 89 6.24 15.45 -0.55
N GLY B 90 5.26 14.61 -0.18
CA GLY B 90 4.79 14.46 1.21
C GLY B 90 3.39 14.99 1.40
N TYR B 91 2.72 15.45 0.34
CA TYR B 91 1.32 15.95 0.41
C TYR B 91 0.38 14.77 0.61
N PRO B 92 -0.61 14.89 1.52
CA PRO B 92 -1.72 13.96 1.55
C PRO B 92 -2.64 14.13 0.33
N LEU B 93 -3.37 13.08 -0.06
CA LEU B 93 -4.11 13.09 -1.33
C LEU B 93 -5.27 14.08 -1.24
N TRP B 94 -5.75 14.42 -0.03
CA TRP B 94 -6.84 15.42 0.13
C TRP B 94 -6.34 16.82 -0.24
N LYS B 95 -5.03 17.08 -0.16
CA LYS B 95 -4.41 18.33 -0.66
C LYS B 95 -4.21 18.21 -2.18
N VAL B 96 -3.61 17.11 -2.60
CA VAL B 96 -3.29 16.85 -4.02
C VAL B 96 -4.53 17.09 -4.88
N THR B 97 -5.76 16.89 -4.34
CA THR B 97 -7.03 16.86 -5.11
C THR B 97 -8.05 17.92 -4.64
N PHE B 98 -7.69 18.84 -3.75
CA PHE B 98 -8.57 19.96 -3.30
C PHE B 98 -8.91 20.89 -4.47
N PRO B 99 -8.00 21.18 -5.42
CA PRO B 99 -8.32 22.07 -6.53
C PRO B 99 -9.44 21.45 -7.39
N VAL B 100 -9.41 20.14 -7.58
CA VAL B 100 -10.44 19.44 -8.42
C VAL B 100 -11.82 19.68 -7.80
N ARG B 101 -11.98 19.57 -6.48
CA ARG B 101 -13.31 19.79 -5.87
C ARG B 101 -13.71 21.26 -6.10
N VAL B 102 -12.75 22.17 -6.07
CA VAL B 102 -13.01 23.63 -6.29
C VAL B 102 -13.44 23.85 -7.75
N PHE B 103 -12.78 23.19 -8.70
CA PHE B 103 -13.12 23.31 -10.15
C PHE B 103 -14.59 22.92 -10.33
N HIS B 104 -15.01 21.84 -9.67
CA HIS B 104 -16.41 21.33 -9.72
C HIS B 104 -17.39 22.45 -9.30
N LEU B 105 -17.12 23.09 -8.16
CA LEU B 105 -17.97 24.16 -7.60
C LEU B 105 -17.89 25.41 -8.50
N LEU B 106 -16.81 25.63 -9.25
CA LEU B 106 -16.69 26.75 -10.22
C LEU B 106 -17.55 26.50 -11.45
N GLY B 107 -18.00 25.26 -11.66
CA GLY B 107 -18.88 24.83 -12.76
C GLY B 107 -18.12 24.16 -13.88
N VAL B 108 -16.86 23.79 -13.67
CA VAL B 108 -16.06 23.03 -14.68
C VAL B 108 -16.77 21.69 -14.89
N ASP B 109 -16.94 21.24 -16.14
CA ASP B 109 -17.55 19.91 -16.41
C ASP B 109 -16.55 18.96 -17.05
N THR B 110 -15.33 19.40 -17.34
CA THR B 110 -14.28 18.59 -18.00
C THR B 110 -12.93 18.81 -17.30
N LEU B 111 -12.19 17.71 -17.09
CA LEU B 111 -10.79 17.72 -16.60
C LEU B 111 -9.90 17.05 -17.66
N VAL B 112 -8.89 17.77 -18.13
CA VAL B 112 -7.78 17.24 -18.96
C VAL B 112 -6.58 17.03 -18.02
N VAL B 113 -6.02 15.83 -17.99
CA VAL B 113 -4.85 15.53 -17.11
C VAL B 113 -3.68 15.15 -18.01
N THR B 114 -2.51 15.72 -17.79
CA THR B 114 -1.30 15.36 -18.55
C THR B 114 -0.23 14.93 -17.57
N ASN B 115 0.71 14.09 -18.01
CA ASN B 115 1.86 13.74 -17.15
C ASN B 115 3.04 13.24 -17.98
N ALA B 116 4.17 13.06 -17.30
CA ALA B 116 5.34 12.30 -17.79
C ALA B 116 5.24 10.89 -17.23
N ALA B 117 5.48 9.89 -18.09
CA ALA B 117 5.39 8.47 -17.73
C ALA B 117 6.63 7.74 -18.22
N GLY B 118 7.06 6.71 -17.49
CA GLY B 118 8.00 5.72 -18.04
C GLY B 118 7.24 4.71 -18.88
N GLY B 119 7.76 4.39 -20.06
CA GLY B 119 7.23 3.35 -20.96
C GLY B 119 7.49 1.95 -20.45
N LEU B 120 6.43 1.17 -20.27
CA LEU B 120 6.50 -0.27 -19.94
C LEU B 120 6.27 -1.10 -21.20
N ASN B 121 5.40 -0.61 -22.08
CA ASN B 121 5.09 -1.30 -23.36
C ASN B 121 6.33 -1.17 -24.23
N PRO B 122 6.98 -2.29 -24.63
CA PRO B 122 8.22 -2.21 -25.41
C PRO B 122 8.00 -1.58 -26.78
N LYS B 123 6.77 -1.51 -27.26
CA LYS B 123 6.40 -0.81 -28.53
C LYS B 123 6.51 0.72 -28.37
N PHE B 124 6.54 1.26 -27.15
CA PHE B 124 6.60 2.74 -26.98
C PHE B 124 8.03 3.21 -27.20
N GLU B 125 8.15 4.42 -27.77
CA GLU B 125 9.44 5.15 -27.94
C GLU B 125 9.38 6.42 -27.11
N VAL B 126 10.54 6.88 -26.65
CA VAL B 126 10.70 8.19 -25.96
C VAL B 126 10.07 9.25 -26.87
N GLY B 127 9.30 10.17 -26.28
CA GLY B 127 8.58 11.23 -27.00
C GLY B 127 7.18 10.83 -27.39
N ASP B 128 6.83 9.54 -27.42
CA ASP B 128 5.46 9.09 -27.73
C ASP B 128 4.48 9.77 -26.77
N ILE B 129 3.27 10.01 -27.26
CA ILE B 129 2.06 10.41 -26.46
C ILE B 129 1.15 9.18 -26.39
N MET B 130 0.75 8.83 -25.16
CA MET B 130 -0.19 7.74 -24.86
C MET B 130 -1.45 8.37 -24.29
N LEU B 131 -2.53 8.31 -25.07
CA LEU B 131 -3.92 8.53 -24.60
C LEU B 131 -4.22 7.48 -23.51
N ILE B 132 -4.61 7.95 -22.34
CA ILE B 132 -4.88 7.08 -21.15
C ILE B 132 -6.24 6.43 -21.34
N ARG B 133 -6.25 5.13 -21.54
CA ARG B 133 -7.47 4.32 -21.73
C ARG B 133 -7.97 3.82 -20.38
N ASP B 134 -7.08 3.62 -19.42
CA ASP B 134 -7.40 3.02 -18.09
C ASP B 134 -6.23 3.26 -17.14
N HIS B 135 -6.45 2.98 -15.87
CA HIS B 135 -5.39 3.13 -14.86
C HIS B 135 -5.42 1.96 -13.86
N ILE B 136 -4.28 1.75 -13.19
CA ILE B 136 -4.14 0.84 -12.02
C ILE B 136 -3.64 1.67 -10.87
N ASN B 137 -4.46 1.79 -9.84
CA ASN B 137 -4.23 2.64 -8.65
C ASN B 137 -3.60 1.81 -7.54
N LEU B 138 -2.29 1.58 -7.58
CA LEU B 138 -1.63 0.69 -6.60
C LEU B 138 -1.70 1.32 -5.22
N PRO B 139 -1.47 2.63 -5.08
CA PRO B 139 -1.63 3.28 -3.76
C PRO B 139 -3.06 3.13 -3.22
N GLY B 140 -4.04 3.13 -4.13
CA GLY B 140 -5.47 3.05 -3.80
C GLY B 140 -5.81 1.74 -3.15
N PHE B 141 -5.26 0.64 -3.66
CA PHE B 141 -5.45 -0.72 -3.08
C PHE B 141 -5.20 -0.69 -1.55
N SER B 142 -4.17 0.03 -1.15
CA SER B 142 -3.58 0.02 0.21
C SER B 142 -4.20 1.07 1.12
N GLY B 143 -5.00 2.01 0.59
CA GLY B 143 -5.62 3.06 1.43
C GLY B 143 -5.31 4.47 0.95
N GLN B 144 -4.30 4.68 0.10
CA GLN B 144 -4.02 6.00 -0.49
C GLN B 144 -5.00 6.24 -1.64
N ASN B 145 -6.26 6.42 -1.28
CA ASN B 145 -7.39 6.74 -2.19
C ASN B 145 -7.90 8.09 -1.72
N PRO B 146 -7.98 9.09 -2.62
CA PRO B 146 -8.34 10.44 -2.23
C PRO B 146 -9.80 10.57 -1.74
N LEU B 147 -10.66 9.58 -1.95
CA LEU B 147 -12.04 9.61 -1.40
C LEU B 147 -12.09 9.15 0.05
N ARG B 148 -10.99 8.68 0.62
CA ARG B 148 -10.95 8.10 1.98
C ARG B 148 -11.44 9.16 2.98
N GLY B 149 -12.37 8.79 3.85
CA GLY B 149 -12.96 9.69 4.86
C GLY B 149 -14.42 10.00 4.55
N PRO B 150 -15.01 10.99 5.26
CA PRO B 150 -16.44 11.30 5.13
C PRO B 150 -16.80 11.66 3.68
N ASN B 151 -17.93 11.19 3.20
CA ASN B 151 -18.41 11.48 1.83
C ASN B 151 -19.47 12.58 1.89
N ASP B 152 -19.51 13.46 0.88
CA ASP B 152 -20.57 14.51 0.75
C ASP B 152 -21.13 14.41 -0.67
N GLU B 153 -22.43 14.25 -0.81
CA GLU B 153 -23.09 14.02 -2.13
C GLU B 153 -23.11 15.29 -2.96
N ARG B 154 -22.79 16.44 -2.39
CA ARG B 154 -22.62 17.67 -3.19
C ARG B 154 -21.36 17.52 -4.03
N PHE B 155 -20.51 16.54 -3.70
CA PHE B 155 -19.40 16.13 -4.58
C PHE B 155 -19.86 14.91 -5.36
N GLY B 156 -20.19 13.81 -4.68
CA GLY B 156 -20.54 12.55 -5.37
C GLY B 156 -20.97 11.44 -4.45
N ASP B 157 -21.04 10.24 -5.00
CA ASP B 157 -21.53 9.03 -4.32
C ASP B 157 -20.47 8.48 -3.34
N ARG B 158 -20.90 7.77 -2.31
CA ARG B 158 -19.97 7.12 -1.32
C ARG B 158 -19.05 6.13 -2.09
N PHE B 159 -19.59 5.42 -3.10
CA PHE B 159 -18.91 4.33 -3.87
C PHE B 159 -19.01 4.61 -5.37
N PRO B 160 -18.27 5.59 -5.90
CA PRO B 160 -18.31 5.89 -7.33
C PRO B 160 -17.58 4.85 -8.20
N ALA B 161 -18.11 4.55 -9.39
CA ALA B 161 -17.49 3.61 -10.36
C ALA B 161 -16.37 4.33 -11.11
N MET B 162 -15.32 3.59 -11.48
CA MET B 162 -14.13 4.11 -12.20
C MET B 162 -13.92 3.36 -13.52
N SER B 163 -14.74 2.34 -13.83
CA SER B 163 -14.54 1.51 -15.05
C SER B 163 -14.77 2.34 -16.31
N ASP B 164 -15.41 3.52 -16.23
CA ASP B 164 -15.69 4.40 -17.40
C ASP B 164 -15.03 5.78 -17.19
N ALA B 165 -13.93 5.85 -16.44
CA ALA B 165 -13.28 7.14 -16.07
C ALA B 165 -12.83 7.91 -17.32
N TYR B 166 -12.27 7.21 -18.32
CA TYR B 166 -11.58 7.86 -19.47
C TYR B 166 -12.59 8.00 -20.60
N ASP B 167 -13.00 9.25 -20.87
CA ASP B 167 -14.19 9.57 -21.70
C ASP B 167 -14.01 9.01 -23.11
N ARG B 168 -14.95 8.15 -23.53
CA ARG B 168 -14.93 7.49 -24.86
C ARG B 168 -15.08 8.54 -25.98
N THR B 169 -15.86 9.61 -25.80
CA THR B 169 -16.09 10.60 -26.90
C THR B 169 -14.75 11.27 -27.20
N MET B 170 -14.06 11.76 -26.18
CA MET B 170 -12.77 12.47 -26.35
C MET B 170 -11.68 11.51 -26.83
N ARG B 171 -11.82 10.21 -26.57
CA ARG B 171 -10.92 9.16 -27.13
C ARG B 171 -11.02 9.22 -28.66
N GLN B 172 -12.22 8.93 -29.17
CA GLN B 172 -12.61 9.03 -30.60
C GLN B 172 -12.00 10.30 -31.20
N ARG B 173 -12.24 11.46 -30.61
CA ARG B 173 -11.89 12.76 -31.26
C ARG B 173 -10.38 13.00 -31.21
N ALA B 174 -9.71 12.51 -30.16
CA ALA B 174 -8.24 12.58 -30.08
C ALA B 174 -7.64 11.76 -31.24
N LEU B 175 -8.08 10.51 -31.39
CA LEU B 175 -7.71 9.62 -32.55
C LEU B 175 -8.04 10.29 -33.89
N SER B 176 -9.19 10.97 -34.03
CA SER B 176 -9.63 11.66 -35.29
C SER B 176 -8.76 12.88 -35.56
N THR B 177 -8.58 13.73 -34.54
CA THR B 177 -7.80 14.98 -34.63
C THR B 177 -6.36 14.64 -34.97
N TRP B 178 -5.82 13.61 -34.34
CA TRP B 178 -4.40 13.20 -34.50
C TRP B 178 -4.15 12.81 -35.97
N LYS B 179 -5.04 11.99 -36.54
CA LYS B 179 -5.02 11.56 -37.97
C LYS B 179 -4.97 12.79 -38.88
N GLN B 180 -5.97 13.67 -38.77
CA GLN B 180 -6.08 14.88 -39.63
C GLN B 180 -5.06 15.96 -39.17
N MET B 181 -3.92 15.57 -38.57
CA MET B 181 -2.72 16.44 -38.42
C MET B 181 -1.55 15.85 -39.21
N GLY B 182 -1.73 14.65 -39.79
CA GLY B 182 -0.71 13.92 -40.57
C GLY B 182 0.60 13.77 -39.81
N GLU B 183 0.55 13.25 -38.57
CA GLU B 183 1.73 13.13 -37.66
C GLU B 183 2.58 11.91 -38.03
N GLN B 184 3.88 11.94 -37.72
CA GLN B 184 4.85 10.86 -38.01
C GLN B 184 4.42 9.59 -37.25
N ARG B 185 4.62 9.57 -35.93
CA ARG B 185 4.26 8.42 -35.05
C ARG B 185 2.75 8.48 -34.79
N GLU B 186 2.11 7.32 -34.59
CA GLU B 186 0.69 7.24 -34.15
C GLU B 186 0.57 7.62 -32.66
N LEU B 187 -0.62 8.10 -32.30
CA LEU B 187 -1.00 8.37 -30.89
C LEU B 187 -1.11 7.00 -30.23
N GLN B 188 -0.31 6.73 -29.20
CA GLN B 188 -0.41 5.45 -28.45
C GLN B 188 -1.63 5.51 -27.54
N GLU B 189 -2.06 4.35 -27.08
CA GLU B 189 -3.14 4.19 -26.11
C GLU B 189 -2.69 3.12 -25.10
N GLY B 190 -3.07 3.24 -23.83
CA GLY B 190 -2.91 2.11 -22.88
C GLY B 190 -3.12 2.49 -21.44
N THR B 191 -2.76 1.59 -20.55
CA THR B 191 -3.05 1.66 -19.10
C THR B 191 -1.90 2.37 -18.37
N TYR B 192 -2.22 3.39 -17.58
CA TYR B 192 -1.29 4.08 -16.69
C TYR B 192 -1.41 3.45 -15.30
N VAL B 193 -0.28 2.99 -14.77
CA VAL B 193 -0.20 2.55 -13.34
C VAL B 193 0.46 3.69 -12.57
N MET B 194 -0.18 4.10 -11.49
CA MET B 194 0.41 5.01 -10.52
C MET B 194 1.17 4.23 -9.45
N VAL B 195 2.43 4.60 -9.25
CA VAL B 195 3.30 4.23 -8.10
C VAL B 195 3.58 5.52 -7.33
N ALA B 196 3.90 5.44 -6.04
CA ALA B 196 4.16 6.64 -5.20
C ALA B 196 5.52 7.29 -5.53
N GLY B 197 6.53 6.51 -5.93
CA GLY B 197 7.90 7.00 -6.07
C GLY B 197 8.44 7.47 -4.72
N PRO B 198 9.45 8.35 -4.68
CA PRO B 198 10.01 8.99 -5.88
C PRO B 198 11.16 8.24 -6.59
N SER B 199 11.68 7.16 -6.00
CA SER B 199 12.75 6.34 -6.62
C SER B 199 12.15 5.61 -7.81
N PHE B 200 12.93 5.39 -8.87
CA PHE B 200 12.53 4.66 -10.10
C PHE B 200 12.63 3.16 -9.87
N GLU B 201 12.04 2.39 -10.78
CA GLU B 201 11.71 0.96 -10.55
C GLU B 201 12.98 0.13 -10.77
N THR B 202 13.14 -0.90 -9.94
CA THR B 202 14.05 -2.03 -10.21
C THR B 202 13.52 -2.77 -11.44
N VAL B 203 14.35 -3.59 -12.06
CA VAL B 203 13.95 -4.49 -13.17
C VAL B 203 12.83 -5.41 -12.67
N ALA B 204 12.95 -6.00 -11.48
CA ALA B 204 11.91 -6.92 -10.98
C ALA B 204 10.58 -6.14 -10.84
N GLU B 205 10.62 -4.89 -10.35
CA GLU B 205 9.41 -4.03 -10.21
C GLU B 205 8.83 -3.75 -11.60
N CYS B 206 9.68 -3.38 -12.55
CA CYS B 206 9.26 -3.20 -13.96
C CYS B 206 8.43 -4.39 -14.41
N ARG B 207 8.94 -5.61 -14.17
CA ARG B 207 8.38 -6.86 -14.74
C ARG B 207 7.03 -7.12 -14.08
N VAL B 208 6.93 -6.78 -12.80
CA VAL B 208 5.66 -6.85 -12.04
C VAL B 208 4.61 -5.95 -12.74
N LEU B 209 4.96 -4.69 -12.98
CA LEU B 209 4.02 -3.70 -13.57
C LEU B 209 3.59 -4.16 -14.96
N GLN B 210 4.49 -4.73 -15.75
CA GLN B 210 4.16 -5.31 -17.08
C GLN B 210 3.20 -6.50 -16.88
N LYS B 211 3.46 -7.36 -15.90
CA LYS B 211 2.63 -8.56 -15.62
C LYS B 211 1.23 -8.09 -15.23
N LEU B 212 1.13 -6.97 -14.53
CA LEU B 212 -0.19 -6.45 -14.10
C LEU B 212 -0.96 -5.87 -15.28
N GLY B 213 -0.33 -5.63 -16.44
CA GLY B 213 -0.96 -5.13 -17.68
C GLY B 213 -0.84 -3.62 -17.82
N ALA B 214 0.11 -2.99 -17.15
CA ALA B 214 0.37 -1.54 -17.26
C ALA B 214 1.25 -1.28 -18.49
N ASP B 215 1.00 -0.17 -19.18
CA ASP B 215 1.71 0.25 -20.42
C ASP B 215 2.68 1.40 -20.10
N ALA B 216 2.39 2.17 -19.08
CA ALA B 216 3.17 3.36 -18.68
C ALA B 216 3.05 3.51 -17.16
N VAL B 217 4.11 3.99 -16.49
CA VAL B 217 4.12 4.22 -15.02
C VAL B 217 4.51 5.67 -14.72
N GLY B 218 3.82 6.26 -13.75
CA GLY B 218 4.26 7.55 -13.18
C GLY B 218 3.69 7.73 -11.80
N MET B 219 3.80 8.94 -11.27
CA MET B 219 3.67 9.18 -9.82
C MET B 219 2.55 10.20 -9.59
N SER B 220 1.61 10.34 -10.52
CA SER B 220 0.54 11.36 -10.37
C SER B 220 -0.78 10.87 -10.97
N THR B 221 -1.72 11.81 -11.13
CA THR B 221 -2.83 11.78 -12.11
C THR B 221 -4.04 10.99 -11.59
N VAL B 222 -3.84 9.72 -11.25
CA VAL B 222 -4.94 8.80 -10.87
C VAL B 222 -5.79 9.42 -9.77
N PRO B 223 -5.22 10.03 -8.72
CA PRO B 223 -6.03 10.60 -7.64
C PRO B 223 -6.93 11.76 -8.13
N GLU B 224 -6.43 12.60 -9.03
CA GLU B 224 -7.19 13.73 -9.63
C GLU B 224 -8.36 13.18 -10.46
N VAL B 225 -8.10 12.13 -11.22
CA VAL B 225 -9.11 11.43 -12.05
C VAL B 225 -10.23 10.89 -11.15
N ILE B 226 -9.87 10.23 -10.05
CA ILE B 226 -10.85 9.65 -9.11
C ILE B 226 -11.73 10.78 -8.55
N VAL B 227 -11.13 11.91 -8.16
CA VAL B 227 -11.89 13.03 -7.54
C VAL B 227 -12.78 13.68 -8.61
N ALA B 228 -12.33 13.72 -9.86
CA ALA B 228 -13.07 14.34 -10.97
C ALA B 228 -14.29 13.49 -11.31
N ARG B 229 -14.10 12.17 -11.41
CA ARG B 229 -15.18 11.19 -11.71
C ARG B 229 -16.17 11.13 -10.54
N HIS B 230 -15.69 11.18 -9.30
CA HIS B 230 -16.55 11.32 -8.10
C HIS B 230 -17.52 12.49 -8.31
N CYS B 231 -17.00 13.61 -8.81
CA CYS B 231 -17.74 14.88 -9.02
C CYS B 231 -18.52 14.86 -10.34
N GLY B 232 -18.39 13.83 -11.17
CA GLY B 232 -19.13 13.70 -12.43
C GLY B 232 -18.53 14.46 -13.60
N LEU B 233 -17.27 14.93 -13.51
CA LEU B 233 -16.57 15.61 -14.63
C LEU B 233 -16.25 14.57 -15.70
N ARG B 234 -16.33 14.96 -16.97
CA ARG B 234 -15.74 14.19 -18.09
C ARG B 234 -14.21 14.27 -17.90
N VAL B 235 -13.50 13.17 -18.16
CA VAL B 235 -12.04 13.12 -17.94
C VAL B 235 -11.34 12.57 -19.18
N PHE B 236 -10.27 13.23 -19.60
CA PHE B 236 -9.29 12.57 -20.49
C PHE B 236 -7.90 13.11 -20.23
N GLY B 237 -6.95 12.38 -20.75
CA GLY B 237 -5.56 12.58 -20.33
C GLY B 237 -4.58 11.87 -21.23
N PHE B 238 -3.32 12.31 -21.12
CA PHE B 238 -2.19 11.90 -21.97
C PHE B 238 -0.98 11.68 -21.06
N SER B 239 -0.20 10.66 -21.38
CA SER B 239 1.19 10.50 -20.89
C SER B 239 2.15 10.81 -22.04
N LEU B 240 3.10 11.71 -21.80
CA LEU B 240 4.36 11.81 -22.58
C LEU B 240 5.36 10.77 -22.05
N ILE B 241 5.79 9.86 -22.90
CA ILE B 241 6.81 8.82 -22.57
C ILE B 241 8.19 9.50 -22.54
N THR B 242 8.74 9.75 -21.35
CA THR B 242 10.04 10.45 -21.16
C THR B 242 11.22 9.46 -21.18
N ASN B 243 10.96 8.14 -21.12
CA ASN B 243 12.00 7.10 -20.87
C ASN B 243 11.40 5.69 -21.01
N LYS B 244 12.19 4.74 -21.52
CA LYS B 244 11.83 3.30 -21.56
C LYS B 244 12.34 2.65 -20.27
N VAL B 245 11.43 2.18 -19.42
CA VAL B 245 11.76 1.50 -18.13
C VAL B 245 12.67 0.29 -18.40
N ILE B 246 13.76 0.15 -17.64
CA ILE B 246 14.69 -1.02 -17.80
C ILE B 246 13.95 -2.30 -17.37
N MET B 247 13.73 -3.24 -18.30
CA MET B 247 12.91 -4.45 -18.04
C MET B 247 13.75 -5.73 -18.04
N ASP B 248 15.08 -5.65 -18.11
CA ASP B 248 15.95 -6.86 -18.05
C ASP B 248 17.39 -6.49 -17.68
N TYR B 249 18.16 -7.47 -17.21
CA TYR B 249 19.45 -7.29 -16.49
C TYR B 249 20.61 -7.08 -17.47
N GLU B 250 20.43 -7.41 -18.74
CA GLU B 250 21.42 -7.16 -19.82
C GLU B 250 21.22 -5.74 -20.34
N SER B 251 21.82 -4.70 -19.74
CA SER B 251 21.56 -3.29 -20.12
C SER B 251 22.42 -2.28 -19.33
N LEU B 252 23.02 -1.31 -20.04
CA LEU B 252 23.83 -0.19 -19.48
C LEU B 252 22.98 1.09 -19.31
N GLU B 253 21.75 1.14 -19.86
CA GLU B 253 20.83 2.30 -19.70
C GLU B 253 20.40 2.40 -18.22
N LYS B 254 20.18 3.62 -17.73
CA LYS B 254 19.60 3.92 -16.39
C LYS B 254 18.66 5.13 -16.50
N ALA B 255 17.37 4.95 -16.22
CA ALA B 255 16.38 6.05 -16.07
C ALA B 255 16.98 7.09 -15.13
N ASN B 256 17.02 8.36 -15.55
CA ASN B 256 17.64 9.45 -14.73
C ASN B 256 16.83 10.74 -14.91
N HIS B 257 16.85 11.58 -13.87
CA HIS B 257 16.15 12.89 -13.77
C HIS B 257 16.44 13.77 -15.01
N GLU B 258 17.69 13.77 -15.50
CA GLU B 258 18.18 14.69 -16.57
C GLU B 258 17.61 14.28 -17.95
N GLU B 259 17.52 12.97 -18.23
CA GLU B 259 17.08 12.42 -19.55
C GLU B 259 15.55 12.51 -19.70
N VAL B 260 14.83 12.58 -18.58
CA VAL B 260 13.34 12.77 -18.52
C VAL B 260 13.04 14.27 -18.64
N LEU B 261 13.82 15.13 -17.99
CA LEU B 261 13.79 16.61 -18.09
C LEU B 261 13.94 17.05 -19.57
N ALA B 262 14.98 16.55 -20.26
CA ALA B 262 15.32 16.87 -21.67
C ALA B 262 14.19 16.44 -22.62
N ALA B 263 13.62 15.24 -22.41
CA ALA B 263 12.58 14.61 -23.28
C ALA B 263 11.26 15.41 -23.18
N GLY B 264 10.94 15.89 -21.97
CA GLY B 264 9.82 16.81 -21.68
C GLY B 264 10.18 18.26 -21.94
N LYS B 265 11.13 18.52 -22.86
CA LYS B 265 11.34 19.83 -23.52
C LYS B 265 11.33 19.61 -25.05
N GLN B 266 11.01 18.40 -25.51
CA GLN B 266 11.20 18.00 -26.92
C GLN B 266 9.83 18.01 -27.62
N ALA B 267 9.14 16.86 -27.60
CA ALA B 267 7.79 16.67 -28.17
C ALA B 267 6.73 17.02 -27.12
N ALA B 268 7.13 17.73 -26.07
CA ALA B 268 6.23 18.33 -25.06
C ALA B 268 5.32 19.35 -25.76
N GLN B 269 5.93 20.27 -26.54
CA GLN B 269 5.22 21.31 -27.35
C GLN B 269 4.27 20.64 -28.34
N LYS B 270 4.62 19.44 -28.85
CA LYS B 270 3.68 18.64 -29.66
C LYS B 270 2.39 18.37 -28.86
N LEU B 271 2.48 17.85 -27.62
CA LEU B 271 1.32 17.54 -26.74
C LEU B 271 0.54 18.83 -26.41
N GLU B 272 1.25 19.95 -26.24
CA GLU B 272 0.64 21.26 -25.89
C GLU B 272 -0.21 21.75 -27.07
N GLN B 273 0.35 21.74 -28.28
CA GLN B 273 -0.42 22.03 -29.52
C GLN B 273 -1.61 21.06 -29.60
N PHE B 274 -1.44 19.75 -29.34
CA PHE B 274 -2.53 18.73 -29.45
C PHE B 274 -3.64 19.05 -28.45
N VAL B 275 -3.29 19.54 -27.27
CA VAL B 275 -4.27 19.82 -26.17
C VAL B 275 -5.07 21.05 -26.57
N SER B 276 -4.39 22.08 -27.08
CA SER B 276 -5.00 23.32 -27.62
C SER B 276 -6.05 23.00 -28.69
N ILE B 277 -5.63 22.22 -29.71
CA ILE B 277 -6.50 21.82 -30.84
C ILE B 277 -7.73 21.08 -30.30
N LEU B 278 -7.52 20.15 -29.37
CA LEU B 278 -8.59 19.26 -28.87
C LEU B 278 -9.62 20.05 -28.05
N MET B 279 -9.29 21.25 -27.58
CA MET B 279 -10.28 22.13 -26.90
C MET B 279 -11.54 22.25 -27.76
N ALA B 280 -11.37 22.36 -29.08
CA ALA B 280 -12.48 22.56 -30.06
C ALA B 280 -13.38 21.33 -30.14
N SER B 281 -12.90 20.17 -29.69
CA SER B 281 -13.63 18.88 -29.73
C SER B 281 -14.34 18.61 -28.41
N ILE B 282 -14.14 19.45 -27.39
CA ILE B 282 -14.82 19.23 -26.09
C ILE B 282 -16.25 19.74 -26.27
N PRO B 283 -17.27 18.90 -26.05
CA PRO B 283 -18.65 19.36 -26.12
C PRO B 283 -18.90 20.59 -25.24
N LEU B 284 -19.84 21.44 -25.68
CA LEU B 284 -20.26 22.64 -24.92
C LEU B 284 -21.12 22.16 -23.76
N PRO B 285 -21.32 22.95 -22.69
CA PRO B 285 -22.29 22.59 -21.65
C PRO B 285 -23.74 22.84 -22.11
N ASP B 286 -24.71 22.13 -21.52
CA ASP B 286 -26.16 22.19 -21.89
C ASP B 286 -26.72 23.60 -21.66
N GLY C 4 10.06 14.35 10.74
CA GLY C 4 11.28 14.17 9.92
C GLY C 4 12.49 14.75 10.62
N TYR C 5 13.70 14.40 10.18
CA TYR C 5 14.94 15.02 10.70
C TYR C 5 15.31 16.17 9.79
N THR C 6 15.96 17.21 10.31
CA THR C 6 16.62 18.26 9.50
C THR C 6 17.97 17.69 9.03
N TYR C 7 18.59 18.31 8.03
CA TYR C 7 19.93 17.94 7.56
C TYR C 7 20.96 18.14 8.68
N GLU C 8 20.76 19.20 9.49
CA GLU C 8 21.60 19.54 10.67
C GLU C 8 21.52 18.41 11.70
N ASP C 9 20.34 17.79 11.87
CA ASP C 9 20.15 16.62 12.78
C ASP C 9 21.14 15.52 12.40
N TYR C 10 21.22 15.16 11.12
CA TYR C 10 22.13 14.09 10.65
C TYR C 10 23.58 14.52 10.90
N LYS C 11 23.91 15.75 10.53
CA LYS C 11 25.26 16.32 10.70
C LYS C 11 25.60 16.31 12.20
N ASN C 12 24.67 16.67 13.08
CA ASN C 12 24.94 16.67 14.55
C ASN C 12 25.30 15.25 14.99
N THR C 13 24.58 14.23 14.53
CA THR C 13 24.79 12.84 14.98
C THR C 13 26.15 12.35 14.46
N ALA C 14 26.42 12.58 13.19
CA ALA C 14 27.67 12.15 12.54
C ALA C 14 28.84 12.81 13.29
N GLU C 15 28.73 14.11 13.59
CA GLU C 15 29.79 14.91 14.29
C GLU C 15 29.97 14.34 15.71
N TRP C 16 28.90 14.05 16.43
CA TRP C 16 29.02 13.45 17.78
C TRP C 16 29.83 12.16 17.68
N LEU C 17 29.44 11.24 16.80
CA LEU C 17 30.12 9.92 16.66
C LEU C 17 31.59 10.13 16.29
N LEU C 18 31.90 10.97 15.29
CA LEU C 18 33.30 11.18 14.80
C LEU C 18 34.20 11.75 15.92
N SER C 19 33.64 12.48 16.87
CA SER C 19 34.35 13.08 18.03
C SER C 19 34.31 12.15 19.25
N HIS C 20 33.49 11.09 19.27
CA HIS C 20 33.41 10.17 20.43
C HIS C 20 34.16 8.86 20.15
N THR C 21 34.40 8.55 18.88
CA THR C 21 35.27 7.43 18.44
C THR C 21 36.33 7.94 17.48
N LYS C 22 37.48 7.27 17.48
CA LYS C 22 38.63 7.46 16.56
C LYS C 22 38.43 6.65 15.29
N HIS C 23 37.59 5.62 15.37
CA HIS C 23 37.23 4.77 14.19
C HIS C 23 36.73 5.59 13.01
N ARG C 24 37.13 5.21 11.80
CA ARG C 24 36.67 5.84 10.54
C ARG C 24 36.20 4.70 9.66
N PRO C 25 34.96 4.23 9.82
CA PRO C 25 34.50 3.04 9.11
C PRO C 25 34.39 3.34 7.59
N GLN C 26 34.78 2.36 6.77
CA GLN C 26 34.54 2.34 5.31
C GLN C 26 33.23 1.58 5.00
N VAL C 27 32.95 0.52 5.75
CA VAL C 27 31.82 -0.42 5.55
C VAL C 27 30.84 -0.29 6.72
N ALA C 28 29.54 -0.19 6.44
CA ALA C 28 28.44 -0.36 7.44
C ALA C 28 27.84 -1.74 7.25
N ILE C 29 27.64 -2.46 8.35
CA ILE C 29 26.98 -3.80 8.31
C ILE C 29 25.74 -3.72 9.18
N ILE C 30 24.57 -3.92 8.56
CA ILE C 30 23.28 -4.06 9.29
C ILE C 30 23.05 -5.56 9.47
N CYS C 31 23.21 -6.05 10.70
CA CYS C 31 23.09 -7.50 11.06
C CYS C 31 21.60 -7.87 11.13
N GLY C 32 21.12 -8.64 10.16
CA GLY C 32 19.80 -9.28 10.30
C GLY C 32 19.88 -10.52 11.17
N SER C 33 18.72 -11.10 11.50
CA SER C 33 18.59 -12.42 12.20
C SER C 33 19.63 -13.41 11.66
N GLY C 34 20.38 -14.06 12.55
CA GLY C 34 21.43 -15.03 12.21
C GLY C 34 22.83 -14.46 12.38
N LEU C 35 22.94 -13.14 12.51
CA LEU C 35 24.23 -12.41 12.36
C LEU C 35 24.48 -11.49 13.57
N GLY C 36 23.60 -11.50 14.57
CA GLY C 36 23.76 -10.71 15.80
C GLY C 36 25.16 -10.89 16.39
N GLY C 37 25.69 -12.11 16.34
CA GLY C 37 26.97 -12.49 16.98
C GLY C 37 28.18 -12.05 16.18
N LEU C 38 28.00 -11.42 15.03
CA LEU C 38 29.11 -10.98 14.15
C LEU C 38 29.97 -9.94 14.90
N THR C 39 29.42 -9.15 15.81
CA THR C 39 30.22 -8.15 16.56
C THR C 39 31.35 -8.87 17.30
N ASP C 40 31.15 -10.13 17.65
CA ASP C 40 32.15 -10.93 18.39
C ASP C 40 33.47 -10.95 17.62
N LYS C 41 33.40 -10.89 16.30
CA LYS C 41 34.58 -11.05 15.41
C LYS C 41 35.32 -9.71 15.28
N LEU C 42 34.73 -8.60 15.72
CA LEU C 42 35.39 -7.28 15.66
C LEU C 42 36.60 -7.27 16.61
N THR C 43 37.67 -6.57 16.24
CA THR C 43 38.77 -6.21 17.17
C THR C 43 38.74 -4.70 17.40
N GLN C 44 39.35 -4.25 18.49
CA GLN C 44 39.49 -2.83 18.88
C GLN C 44 38.11 -2.17 18.84
N ALA C 45 37.10 -2.90 19.29
CA ALA C 45 35.68 -2.52 19.26
C ALA C 45 35.50 -1.25 20.08
N GLN C 46 34.63 -0.38 19.62
CA GLN C 46 34.12 0.78 20.39
C GLN C 46 32.61 0.76 20.27
N ILE C 47 31.90 0.94 21.38
CA ILE C 47 30.45 0.63 21.49
C ILE C 47 29.65 1.89 21.84
N PHE C 48 28.47 2.04 21.24
CA PHE C 48 27.50 3.10 21.57
C PHE C 48 26.10 2.47 21.64
N ASP C 49 25.49 2.53 22.81
CA ASP C 49 24.01 2.34 22.92
C ASP C 49 23.32 3.36 22.01
N TYR C 50 22.32 2.94 21.22
CA TYR C 50 21.46 3.86 20.42
C TYR C 50 20.97 5.00 21.32
N GLY C 51 20.74 4.74 22.61
CA GLY C 51 20.18 5.68 23.60
C GLY C 51 21.10 6.83 23.94
N GLU C 52 22.41 6.68 23.78
CA GLU C 52 23.38 7.74 24.13
C GLU C 52 23.70 8.55 22.86
N ILE C 53 23.29 8.07 21.69
CA ILE C 53 23.60 8.71 20.37
C ILE C 53 22.52 9.74 20.06
N PRO C 54 22.85 11.04 20.01
CA PRO C 54 21.84 12.06 19.73
C PRO C 54 21.04 11.76 18.45
N ASN C 55 19.73 12.03 18.48
CA ASN C 55 18.71 11.83 17.40
C ASN C 55 18.50 10.35 17.06
N PHE C 56 19.21 9.42 17.68
CA PHE C 56 19.15 8.00 17.23
C PHE C 56 17.85 7.42 17.77
N PRO C 57 17.02 6.75 16.94
CA PRO C 57 15.83 6.06 17.45
C PRO C 57 16.23 4.88 18.35
N ARG C 58 15.48 4.65 19.43
CA ARG C 58 15.69 3.48 20.33
C ARG C 58 14.52 2.52 20.12
N SER C 59 14.48 1.39 20.82
CA SER C 59 13.24 0.62 21.05
C SER C 59 12.49 1.23 22.25
N THR C 60 11.16 1.37 22.16
CA THR C 60 10.26 1.69 23.31
C THR C 60 9.79 0.37 23.97
N VAL C 61 10.33 -0.77 23.53
CA VAL C 61 10.19 -2.12 24.16
C VAL C 61 11.47 -2.42 24.93
N PRO C 62 11.42 -2.58 26.28
CA PRO C 62 12.62 -2.76 27.08
C PRO C 62 13.24 -4.13 26.78
N GLY C 63 12.45 -5.02 26.17
CA GLY C 63 12.88 -6.30 25.56
C GLY C 63 14.27 -6.19 24.95
N HIS C 64 14.40 -5.50 23.81
CA HIS C 64 15.69 -5.38 23.06
C HIS C 64 16.05 -3.89 22.86
N ALA C 65 17.16 -3.47 23.50
CA ALA C 65 17.94 -2.24 23.21
C ALA C 65 18.78 -2.47 21.95
N GLY C 66 19.65 -1.54 21.59
CA GLY C 66 20.48 -1.62 20.36
C GLY C 66 21.81 -0.91 20.53
N ARG C 67 22.82 -1.38 19.79
CA ARG C 67 24.24 -0.98 19.91
C ARG C 67 24.80 -0.70 18.52
N LEU C 68 25.52 0.41 18.39
CA LEU C 68 26.40 0.71 17.23
C LEU C 68 27.80 0.27 17.63
N VAL C 69 28.44 -0.62 16.87
CA VAL C 69 29.80 -1.11 17.21
C VAL C 69 30.79 -0.78 16.07
N PHE C 70 31.82 0.03 16.39
CA PHE C 70 32.94 0.32 15.46
C PHE C 70 34.07 -0.64 15.76
N GLY C 71 34.77 -1.10 14.72
CA GLY C 71 35.83 -2.11 14.90
C GLY C 71 36.46 -2.51 13.60
N PHE C 72 37.45 -3.38 13.66
CA PHE C 72 38.04 -4.03 12.47
C PHE C 72 37.45 -5.44 12.38
N LEU C 73 36.94 -5.74 11.20
CA LEU C 73 36.45 -7.08 10.85
C LEU C 73 37.42 -7.61 9.81
N ASN C 74 38.29 -8.54 10.19
CA ASN C 74 39.27 -9.11 9.23
C ASN C 74 40.14 -7.94 8.73
N GLY C 75 40.50 -6.99 9.59
CA GLY C 75 41.32 -5.82 9.22
C GLY C 75 40.59 -4.73 8.43
N ARG C 76 39.28 -4.85 8.17
CA ARG C 76 38.51 -3.77 7.47
C ARG C 76 37.73 -2.95 8.50
N ALA C 77 37.91 -1.63 8.48
CA ALA C 77 37.22 -0.67 9.39
C ALA C 77 35.72 -0.68 9.08
N CYS C 78 34.92 -1.02 10.10
CA CYS C 78 33.49 -1.38 9.97
C CYS C 78 32.70 -0.65 11.03
N VAL C 79 31.45 -0.37 10.74
CA VAL C 79 30.46 0.00 11.78
C VAL C 79 29.27 -0.95 11.59
N MET C 80 28.89 -1.60 12.69
CA MET C 80 27.86 -2.66 12.72
C MET C 80 26.70 -2.18 13.56
N MET C 81 25.50 -2.24 12.98
CA MET C 81 24.23 -2.14 13.72
C MET C 81 23.89 -3.50 14.30
N GLN C 82 23.81 -3.56 15.62
CA GLN C 82 23.29 -4.70 16.39
C GLN C 82 21.91 -4.29 16.90
N GLY C 83 20.86 -4.82 16.27
CA GLY C 83 19.50 -4.32 16.43
C GLY C 83 19.20 -3.37 15.29
N ARG C 84 18.19 -3.70 14.48
CA ARG C 84 17.76 -2.83 13.37
C ARG C 84 16.30 -2.50 13.62
N PHE C 85 15.80 -1.47 12.95
CA PHE C 85 14.43 -0.97 13.14
C PHE C 85 13.58 -1.55 12.03
N HIS C 86 12.35 -1.96 12.37
CA HIS C 86 11.40 -2.54 11.40
C HIS C 86 10.15 -1.68 11.34
N MET C 87 9.58 -1.57 10.15
CA MET C 87 8.30 -0.86 9.92
C MET C 87 7.20 -1.43 10.83
N TYR C 88 7.15 -2.77 10.99
CA TYR C 88 6.09 -3.47 11.78
C TYR C 88 6.12 -3.02 13.26
N GLU C 89 7.25 -2.51 13.76
CA GLU C 89 7.39 -2.10 15.19
C GLU C 89 6.71 -0.74 15.37
N GLY C 90 6.38 -0.09 14.26
CA GLY C 90 5.68 1.20 14.22
C GLY C 90 6.60 2.37 13.93
N TYR C 91 7.86 2.11 13.59
CA TYR C 91 8.83 3.14 13.19
C TYR C 91 8.42 3.66 11.82
N PRO C 92 8.37 4.98 11.62
CA PRO C 92 8.33 5.54 10.28
C PRO C 92 9.60 5.14 9.51
N LEU C 93 9.51 5.05 8.19
CA LEU C 93 10.69 4.65 7.39
C LEU C 93 11.80 5.70 7.53
N TRP C 94 11.47 6.98 7.70
CA TRP C 94 12.51 8.01 7.96
C TRP C 94 13.23 7.79 9.30
N LYS C 95 12.72 6.93 10.19
CA LYS C 95 13.47 6.51 11.40
C LYS C 95 14.28 5.24 11.11
N VAL C 96 13.68 4.29 10.41
CA VAL C 96 14.31 2.98 10.05
C VAL C 96 15.64 3.31 9.37
N THR C 97 15.64 4.30 8.50
CA THR C 97 16.75 4.56 7.56
C THR C 97 17.64 5.68 8.10
N PHE C 98 17.29 6.28 9.23
CA PHE C 98 18.13 7.32 9.85
C PHE C 98 19.59 6.90 9.90
N PRO C 99 19.95 5.71 10.43
CA PRO C 99 21.36 5.31 10.52
C PRO C 99 22.14 5.34 9.21
N VAL C 100 21.49 5.06 8.10
CA VAL C 100 22.18 4.93 6.78
C VAL C 100 22.68 6.32 6.35
N ARG C 101 21.88 7.36 6.61
CA ARG C 101 22.22 8.78 6.37
CA ARG C 101 22.27 8.75 6.31
C ARG C 101 23.48 9.12 7.17
N VAL C 102 23.44 8.81 8.47
CA VAL C 102 24.58 9.05 9.38
C VAL C 102 25.84 8.32 8.89
N PHE C 103 25.72 7.05 8.47
CA PHE C 103 26.85 6.24 7.97
C PHE C 103 27.50 6.94 6.78
N HIS C 104 26.69 7.38 5.81
CA HIS C 104 27.11 8.26 4.67
C HIS C 104 27.96 9.43 5.21
N LEU C 105 27.45 10.19 6.17
CA LEU C 105 28.16 11.36 6.74
C LEU C 105 29.34 10.94 7.61
N LEU C 106 29.45 9.67 8.05
CA LEU C 106 30.68 9.18 8.74
C LEU C 106 31.79 8.95 7.72
N GLY C 107 31.47 8.87 6.42
CA GLY C 107 32.42 8.50 5.36
C GLY C 107 32.30 7.05 4.88
N VAL C 108 31.32 6.28 5.33
CA VAL C 108 31.11 4.87 4.89
C VAL C 108 30.81 4.90 3.40
N ASP C 109 31.34 4.00 2.59
CA ASP C 109 31.01 4.01 1.14
C ASP C 109 30.38 2.69 0.66
N THR C 110 30.20 1.73 1.57
CA THR C 110 29.65 0.38 1.29
C THR C 110 28.72 -0.01 2.44
N LEU C 111 27.51 -0.46 2.08
CA LEU C 111 26.52 -1.01 3.03
C LEU C 111 26.39 -2.51 2.77
N VAL C 112 26.65 -3.31 3.81
CA VAL C 112 26.31 -4.76 3.84
C VAL C 112 25.04 -4.90 4.70
N VAL C 113 24.01 -5.47 4.11
CA VAL C 113 22.69 -5.61 4.76
C VAL C 113 22.29 -7.09 4.66
N THR C 114 21.92 -7.69 5.78
CA THR C 114 21.50 -9.12 5.78
C THR C 114 20.15 -9.22 6.46
N ASN C 115 19.42 -10.28 6.19
CA ASN C 115 18.09 -10.50 6.79
C ASN C 115 17.79 -11.99 6.77
N ALA C 116 16.66 -12.32 7.40
CA ALA C 116 15.97 -13.61 7.36
C ALA C 116 14.84 -13.46 6.37
N ALA C 117 14.53 -14.50 5.62
CA ALA C 117 13.46 -14.44 4.61
C ALA C 117 12.77 -15.81 4.51
N GLY C 118 11.50 -15.79 4.14
CA GLY C 118 10.78 -17.02 3.78
C GLY C 118 11.07 -17.34 2.35
N GLY C 119 11.28 -18.62 2.03
CA GLY C 119 11.59 -19.07 0.66
C GLY C 119 10.33 -19.19 -0.17
N LEU C 120 10.34 -18.56 -1.33
CA LEU C 120 9.22 -18.65 -2.32
C LEU C 120 9.66 -19.49 -3.52
N ASN C 121 10.93 -19.42 -3.88
CA ASN C 121 11.52 -20.26 -4.95
C ASN C 121 11.59 -21.70 -4.45
N PRO C 122 10.90 -22.66 -5.12
CA PRO C 122 10.93 -24.05 -4.69
C PRO C 122 12.31 -24.71 -4.76
N LYS C 123 13.28 -24.11 -5.47
CA LYS C 123 14.70 -24.59 -5.51
C LYS C 123 15.34 -24.42 -4.13
N PHE C 124 14.88 -23.49 -3.29
CA PHE C 124 15.55 -23.15 -2.00
C PHE C 124 15.19 -24.15 -0.91
N GLU C 125 16.18 -24.45 -0.06
CA GLU C 125 16.02 -25.30 1.14
C GLU C 125 16.18 -24.42 2.37
N VAL C 126 15.64 -24.85 3.51
CA VAL C 126 15.87 -24.17 4.81
C VAL C 126 17.39 -24.13 5.07
N GLY C 127 17.93 -22.98 5.46
CA GLY C 127 19.36 -22.82 5.76
C GLY C 127 20.12 -22.32 4.55
N ASP C 128 19.51 -22.24 3.37
CA ASP C 128 20.17 -21.62 2.19
C ASP C 128 20.40 -20.13 2.46
N ILE C 129 21.44 -19.62 1.82
CA ILE C 129 21.78 -18.19 1.70
C ILE C 129 21.45 -17.79 0.26
N MET C 130 20.65 -16.74 0.11
CA MET C 130 20.33 -16.08 -1.19
C MET C 130 20.97 -14.70 -1.22
N LEU C 131 21.96 -14.51 -2.09
CA LEU C 131 22.47 -13.18 -2.48
C LEU C 131 21.29 -12.38 -3.01
N ILE C 132 21.17 -11.12 -2.60
CA ILE C 132 20.05 -10.31 -3.11
C ILE C 132 20.54 -9.67 -4.42
N ARG C 133 19.94 -10.09 -5.51
CA ARG C 133 20.24 -9.60 -6.87
C ARG C 133 19.32 -8.43 -7.18
N ASP C 134 18.13 -8.41 -6.59
CA ASP C 134 17.08 -7.42 -6.94
C ASP C 134 16.02 -7.43 -5.84
N HIS C 135 15.13 -6.44 -5.82
CA HIS C 135 14.03 -6.40 -4.84
C HIS C 135 12.73 -5.92 -5.49
N ILE C 136 11.62 -6.30 -4.89
CA ILE C 136 10.29 -5.72 -5.17
C ILE C 136 9.85 -5.02 -3.89
N ASN C 137 9.56 -3.74 -4.00
CA ASN C 137 9.27 -2.86 -2.84
C ASN C 137 7.76 -2.64 -2.73
N LEU C 138 7.00 -3.62 -2.24
CA LEU C 138 5.52 -3.49 -2.23
C LEU C 138 5.11 -2.28 -1.39
N PRO C 139 5.61 -2.05 -0.17
CA PRO C 139 5.25 -0.83 0.54
C PRO C 139 5.53 0.46 -0.26
N GLY C 140 6.65 0.48 -1.01
CA GLY C 140 7.08 1.63 -1.82
C GLY C 140 6.03 2.03 -2.85
N PHE C 141 5.46 1.08 -3.54
CA PHE C 141 4.40 1.33 -4.56
C PHE C 141 3.28 2.17 -3.96
N SER C 142 2.98 2.00 -2.67
CA SER C 142 1.78 2.57 -1.98
C SER C 142 2.08 3.89 -1.30
N GLY C 143 3.36 4.26 -1.22
CA GLY C 143 3.77 5.53 -0.62
C GLY C 143 4.69 5.36 0.56
N GLN C 144 4.86 4.13 1.09
CA GLN C 144 5.84 3.82 2.19
C GLN C 144 7.23 3.61 1.54
N ASN C 145 7.78 4.71 1.04
CA ASN C 145 9.15 4.83 0.51
C ASN C 145 9.92 5.77 1.42
N PRO C 146 11.16 5.43 1.85
CA PRO C 146 11.87 6.26 2.84
C PRO C 146 12.24 7.67 2.30
N LEU C 147 12.24 7.87 0.99
CA LEU C 147 12.57 9.19 0.37
C LEU C 147 11.35 10.10 0.31
N ARG C 148 10.15 9.65 0.73
CA ARG C 148 8.91 10.47 0.64
C ARG C 148 9.13 11.73 1.49
N GLY C 149 8.74 12.89 0.96
CA GLY C 149 8.96 14.20 1.58
C GLY C 149 10.01 14.99 0.82
N PRO C 150 10.37 16.18 1.33
CA PRO C 150 11.31 17.05 0.63
C PRO C 150 12.62 16.30 0.36
N ASN C 151 13.21 16.55 -0.80
CA ASN C 151 14.51 15.97 -1.19
C ASN C 151 15.63 16.95 -0.80
N ASP C 152 16.74 16.44 -0.27
CA ASP C 152 17.94 17.26 0.05
C ASP C 152 19.07 16.84 -0.89
N GLU C 153 19.49 17.75 -1.77
CA GLU C 153 20.53 17.54 -2.79
C GLU C 153 21.90 17.25 -2.16
N ARG C 154 22.10 17.62 -0.89
CA ARG C 154 23.31 17.23 -0.12
C ARG C 154 23.37 15.70 0.04
N PHE C 155 22.24 14.98 -0.04
CA PHE C 155 22.21 13.49 -0.01
C PHE C 155 22.18 12.94 -1.44
N GLY C 156 21.30 13.45 -2.31
CA GLY C 156 21.05 12.81 -3.60
C GLY C 156 19.93 13.47 -4.41
N ASP C 157 19.62 12.86 -5.55
CA ASP C 157 18.64 13.31 -6.55
C ASP C 157 17.21 13.15 -6.04
N ARG C 158 16.28 13.89 -6.66
CA ARG C 158 14.84 13.79 -6.36
C ARG C 158 14.43 12.35 -6.69
N PHE C 159 14.91 11.82 -7.80
CA PHE C 159 14.40 10.59 -8.47
C PHE C 159 15.57 9.62 -8.73
N PRO C 160 16.13 8.94 -7.70
CA PRO C 160 17.24 8.02 -7.90
C PRO C 160 16.81 6.69 -8.51
N ALA C 161 17.64 6.19 -9.43
CA ALA C 161 17.47 4.87 -10.08
C ALA C 161 17.75 3.78 -9.04
N MET C 162 16.95 2.72 -9.07
CA MET C 162 17.15 1.53 -8.21
C MET C 162 17.47 0.30 -9.06
N SER C 163 17.47 0.42 -10.40
CA SER C 163 17.72 -0.71 -11.34
C SER C 163 19.13 -1.31 -11.11
N ASP C 164 20.05 -0.59 -10.47
CA ASP C 164 21.44 -1.10 -10.24
C ASP C 164 21.81 -1.05 -8.75
N ALA C 165 20.83 -1.23 -7.86
CA ALA C 165 21.00 -1.14 -6.39
C ALA C 165 22.05 -2.15 -5.87
N TYR C 166 22.04 -3.39 -6.35
CA TYR C 166 22.80 -4.50 -5.75
C TYR C 166 24.05 -4.74 -6.60
N ASP C 167 25.17 -4.14 -6.15
CA ASP C 167 26.50 -4.11 -6.82
C ASP C 167 26.82 -5.44 -7.47
N ARG C 168 27.00 -5.43 -8.78
CA ARG C 168 27.32 -6.67 -9.53
C ARG C 168 28.66 -7.21 -9.05
N THR C 169 29.68 -6.36 -8.94
CA THR C 169 31.06 -6.83 -8.60
C THR C 169 31.04 -7.60 -7.27
N MET C 170 30.38 -7.06 -6.25
CA MET C 170 30.33 -7.64 -4.87
C MET C 170 29.67 -9.03 -4.95
N ARG C 171 28.65 -9.18 -5.79
CA ARG C 171 27.94 -10.48 -5.93
C ARG C 171 28.84 -11.52 -6.60
N GLN C 172 29.55 -11.13 -7.65
CA GLN C 172 30.51 -12.05 -8.31
C GLN C 172 31.58 -12.42 -7.29
N ARG C 173 32.10 -11.45 -6.52
CA ARG C 173 33.13 -11.70 -5.49
C ARG C 173 32.57 -12.53 -4.33
N ALA C 174 31.30 -12.37 -3.98
CA ALA C 174 30.66 -13.22 -2.96
C ALA C 174 30.60 -14.68 -3.45
N LEU C 175 30.13 -14.92 -4.67
CA LEU C 175 30.04 -16.31 -5.21
C LEU C 175 31.43 -16.94 -5.15
N SER C 176 32.45 -16.27 -5.70
CA SER C 176 33.86 -16.75 -5.77
C SER C 176 34.37 -17.03 -4.36
N THR C 177 34.13 -16.11 -3.41
CA THR C 177 34.53 -16.27 -1.98
C THR C 177 33.88 -17.52 -1.39
N TRP C 178 32.62 -17.79 -1.74
CA TRP C 178 31.85 -18.90 -1.15
C TRP C 178 32.51 -20.22 -1.60
N LYS C 179 32.97 -20.25 -2.84
CA LYS C 179 33.71 -21.42 -3.42
C LYS C 179 35.13 -21.51 -2.81
N GLN C 180 35.89 -20.41 -2.80
CA GLN C 180 37.28 -20.37 -2.26
C GLN C 180 37.25 -20.87 -0.81
N MET C 181 36.17 -20.61 -0.06
CA MET C 181 36.00 -21.02 1.36
C MET C 181 35.86 -22.54 1.44
N GLY C 182 35.62 -23.18 0.30
CA GLY C 182 35.41 -24.63 0.17
C GLY C 182 34.07 -25.04 0.74
N GLU C 183 33.04 -24.25 0.48
CA GLU C 183 31.62 -24.56 0.80
C GLU C 183 30.99 -25.24 -0.44
N GLN C 184 30.27 -26.35 -0.24
CA GLN C 184 29.76 -27.21 -1.34
C GLN C 184 28.30 -26.81 -1.66
N ARG C 185 27.39 -26.92 -0.68
CA ARG C 185 25.97 -26.45 -0.76
C ARG C 185 26.00 -25.01 -1.28
N GLU C 186 25.56 -24.79 -2.53
CA GLU C 186 25.79 -23.57 -3.36
C GLU C 186 25.05 -22.32 -2.83
N LEU C 187 25.63 -21.13 -3.06
CA LEU C 187 24.97 -19.81 -2.84
C LEU C 187 23.81 -19.62 -3.81
N GLN C 188 22.60 -19.39 -3.30
CA GLN C 188 21.48 -18.94 -4.16
C GLN C 188 21.64 -17.44 -4.46
N GLU C 189 20.89 -16.99 -5.45
CA GLU C 189 20.80 -15.56 -5.87
C GLU C 189 19.35 -15.31 -6.32
N GLY C 190 18.79 -14.14 -6.03
CA GLY C 190 17.41 -13.86 -6.50
C GLY C 190 16.80 -12.62 -5.92
N THR C 191 15.49 -12.52 -6.09
CA THR C 191 14.69 -11.30 -5.87
C THR C 191 14.05 -11.42 -4.49
N TYR C 192 14.27 -10.40 -3.67
CA TYR C 192 13.71 -10.24 -2.31
C TYR C 192 12.52 -9.31 -2.37
N VAL C 193 11.36 -9.75 -1.89
CA VAL C 193 10.16 -8.86 -1.83
C VAL C 193 10.02 -8.42 -0.38
N MET C 194 9.92 -7.13 -0.15
CA MET C 194 9.55 -6.63 1.19
C MET C 194 8.02 -6.58 1.29
N VAL C 195 7.48 -7.12 2.38
CA VAL C 195 6.08 -6.93 2.86
C VAL C 195 6.24 -6.34 4.27
N ALA C 196 5.26 -5.59 4.75
CA ALA C 196 5.39 -4.86 6.03
C ALA C 196 5.34 -5.84 7.22
N GLY C 197 4.61 -6.95 7.08
CA GLY C 197 4.25 -7.84 8.18
C GLY C 197 3.43 -7.10 9.24
N PRO C 198 3.43 -7.56 10.51
CA PRO C 198 4.31 -8.62 10.96
C PRO C 198 3.68 -10.01 10.96
N SER C 199 2.42 -10.13 10.57
CA SER C 199 1.78 -11.46 10.42
C SER C 199 2.38 -12.15 9.18
N PHE C 200 2.46 -13.48 9.19
CA PHE C 200 3.01 -14.27 8.08
C PHE C 200 1.93 -14.43 7.00
N GLU C 201 2.36 -14.85 5.82
CA GLU C 201 1.51 -14.87 4.61
C GLU C 201 0.52 -16.04 4.67
N THR C 202 -0.66 -15.80 4.12
CA THR C 202 -1.63 -16.85 3.74
C THR C 202 -1.08 -17.58 2.52
N VAL C 203 -1.66 -18.71 2.17
CA VAL C 203 -1.30 -19.50 0.95
C VAL C 203 -1.57 -18.61 -0.26
N ALA C 204 -2.74 -17.97 -0.29
CA ALA C 204 -3.17 -17.11 -1.43
C ALA C 204 -2.10 -16.01 -1.63
N GLU C 205 -1.62 -15.39 -0.54
CA GLU C 205 -0.61 -14.30 -0.60
C GLU C 205 0.73 -14.85 -1.11
N CYS C 206 1.11 -16.02 -0.62
CA CYS C 206 2.35 -16.68 -1.07
C CYS C 206 2.31 -16.84 -2.59
N ARG C 207 1.18 -17.29 -3.11
CA ARG C 207 1.00 -17.54 -4.57
C ARG C 207 1.12 -16.21 -5.32
N VAL C 208 0.58 -15.14 -4.75
CA VAL C 208 0.73 -13.76 -5.31
C VAL C 208 2.23 -13.44 -5.43
N LEU C 209 2.99 -13.60 -4.34
CA LEU C 209 4.42 -13.21 -4.25
C LEU C 209 5.23 -14.03 -5.25
N GLN C 210 4.85 -15.29 -5.46
CA GLN C 210 5.49 -16.14 -6.49
C GLN C 210 5.13 -15.62 -7.89
N LYS C 211 3.87 -15.30 -8.16
CA LYS C 211 3.40 -14.85 -9.51
C LYS C 211 4.14 -13.55 -9.89
N LEU C 212 4.46 -12.72 -8.91
CA LEU C 212 5.22 -11.46 -9.11
C LEU C 212 6.70 -11.70 -9.42
N GLY C 213 7.23 -12.92 -9.19
CA GLY C 213 8.63 -13.28 -9.46
C GLY C 213 9.57 -13.10 -8.27
N ALA C 214 9.05 -13.02 -7.05
CA ALA C 214 9.88 -12.99 -5.82
C ALA C 214 10.36 -14.41 -5.50
N ASP C 215 11.65 -14.53 -5.12
CA ASP C 215 12.33 -15.78 -4.70
C ASP C 215 12.31 -15.90 -3.17
N ALA C 216 12.20 -14.79 -2.44
CA ALA C 216 12.20 -14.75 -0.96
C ALA C 216 11.40 -13.55 -0.47
N VAL C 217 10.84 -13.63 0.74
CA VAL C 217 10.01 -12.54 1.32
C VAL C 217 10.50 -12.24 2.73
N GLY C 218 10.59 -10.95 3.07
CA GLY C 218 10.93 -10.51 4.42
C GLY C 218 10.29 -9.19 4.73
N MET C 219 10.63 -8.63 5.87
CA MET C 219 9.95 -7.45 6.43
C MET C 219 10.92 -6.30 6.66
N SER C 220 12.06 -6.29 5.95
CA SER C 220 13.14 -5.30 6.20
C SER C 220 13.89 -4.93 4.92
N THR C 221 15.01 -4.19 5.08
CA THR C 221 16.20 -4.13 4.20
C THR C 221 16.00 -3.15 3.04
N VAL C 222 14.95 -3.33 2.24
CA VAL C 222 14.64 -2.50 1.03
C VAL C 222 14.65 -1.02 1.37
N PRO C 223 14.08 -0.55 2.49
CA PRO C 223 14.16 0.89 2.77
C PRO C 223 15.62 1.36 2.90
N GLU C 224 16.43 0.62 3.67
CA GLU C 224 17.86 0.94 3.94
C GLU C 224 18.63 0.95 2.63
N VAL C 225 18.33 0.00 1.76
CA VAL C 225 18.97 -0.11 0.43
C VAL C 225 18.62 1.16 -0.39
N ILE C 226 17.38 1.63 -0.33
CA ILE C 226 16.94 2.77 -1.18
C ILE C 226 17.70 4.03 -0.74
N VAL C 227 17.81 4.24 0.56
CA VAL C 227 18.43 5.45 1.17
C VAL C 227 19.95 5.40 0.91
N ALA C 228 20.54 4.21 1.01
CA ALA C 228 21.97 3.95 0.72
C ALA C 228 22.27 4.35 -0.72
N ARG C 229 21.49 3.84 -1.69
CA ARG C 229 21.69 4.15 -3.13
C ARG C 229 21.42 5.63 -3.38
N HIS C 230 20.48 6.24 -2.68
CA HIS C 230 20.20 7.69 -2.83
C HIS C 230 21.48 8.47 -2.48
N CYS C 231 22.21 8.02 -1.45
CA CYS C 231 23.45 8.63 -0.90
C CYS C 231 24.67 8.30 -1.76
N GLY C 232 24.57 7.29 -2.63
CA GLY C 232 25.65 6.80 -3.50
C GLY C 232 26.45 5.65 -2.91
N LEU C 233 26.04 5.05 -1.78
CA LEU C 233 26.73 3.87 -1.19
C LEU C 233 26.63 2.67 -2.14
N ARG C 234 27.71 1.90 -2.24
CA ARG C 234 27.71 0.55 -2.85
C ARG C 234 26.90 -0.36 -1.91
N VAL C 235 26.05 -1.23 -2.46
CA VAL C 235 25.16 -2.10 -1.63
C VAL C 235 25.37 -3.56 -1.99
N PHE C 236 25.55 -4.37 -0.95
CA PHE C 236 25.62 -5.86 -0.99
C PHE C 236 24.70 -6.41 0.12
N GLY C 237 23.95 -7.46 -0.18
CA GLY C 237 23.11 -8.08 0.86
C GLY C 237 22.73 -9.51 0.57
N PHE C 238 22.26 -10.20 1.62
CA PHE C 238 21.72 -11.56 1.45
C PHE C 238 20.69 -11.87 2.51
N SER C 239 19.91 -12.88 2.17
CA SER C 239 18.84 -13.48 3.00
C SER C 239 19.27 -14.88 3.40
N LEU C 240 19.13 -15.17 4.68
CA LEU C 240 19.10 -16.55 5.22
C LEU C 240 17.68 -17.08 5.07
N ILE C 241 17.51 -18.11 4.24
CA ILE C 241 16.21 -18.81 4.03
C ILE C 241 15.88 -19.62 5.29
N THR C 242 15.02 -19.09 6.16
CA THR C 242 14.74 -19.61 7.51
C THR C 242 13.58 -20.62 7.47
N ASN C 243 12.78 -20.63 6.41
CA ASN C 243 11.53 -21.43 6.33
C ASN C 243 11.09 -21.41 4.86
N LYS C 244 10.41 -22.46 4.43
CA LYS C 244 9.72 -22.49 3.11
C LYS C 244 8.28 -22.02 3.34
N VAL C 245 7.90 -20.96 2.63
CA VAL C 245 6.57 -20.31 2.77
C VAL C 245 5.54 -21.38 2.38
N ILE C 246 4.44 -21.48 3.12
CA ILE C 246 3.39 -22.51 2.90
C ILE C 246 2.67 -22.16 1.61
N MET C 247 2.64 -23.09 0.65
CA MET C 247 2.06 -22.86 -0.69
C MET C 247 0.93 -23.85 -1.00
N ASP C 248 0.44 -24.64 -0.03
CA ASP C 248 -0.79 -25.46 -0.21
C ASP C 248 -1.53 -25.58 1.11
N TYR C 249 -2.73 -26.16 1.07
CA TYR C 249 -3.71 -26.11 2.19
C TYR C 249 -3.61 -27.36 3.05
N GLU C 250 -2.85 -28.39 2.63
CA GLU C 250 -2.82 -29.71 3.32
C GLU C 250 -1.70 -29.76 4.37
N SER C 251 -0.55 -29.14 4.12
CA SER C 251 0.61 -29.17 5.07
C SER C 251 0.20 -28.52 6.40
N LEU C 252 0.66 -29.08 7.52
CA LEU C 252 0.46 -28.55 8.89
C LEU C 252 1.51 -27.49 9.20
N GLU C 253 2.58 -27.38 8.42
CA GLU C 253 3.61 -26.38 8.75
C GLU C 253 2.93 -25.00 8.81
N LYS C 254 3.21 -24.28 9.88
CA LYS C 254 2.88 -22.86 10.06
C LYS C 254 4.19 -22.13 10.31
N ALA C 255 4.47 -21.08 9.54
CA ALA C 255 5.60 -20.15 9.73
C ALA C 255 5.58 -19.63 11.18
N ASN C 256 6.71 -19.65 11.90
CA ASN C 256 6.75 -19.14 13.29
C ASN C 256 8.16 -18.63 13.60
N HIS C 257 8.21 -17.73 14.56
CA HIS C 257 9.43 -17.02 15.04
C HIS C 257 10.47 -18.03 15.54
N GLU C 258 10.03 -19.15 16.12
CA GLU C 258 10.94 -20.19 16.69
C GLU C 258 11.73 -20.84 15.54
N GLU C 259 11.10 -21.23 14.43
CA GLU C 259 11.85 -21.68 13.22
C GLU C 259 12.89 -20.63 12.85
N VAL C 260 12.51 -19.35 12.84
CA VAL C 260 13.38 -18.27 12.32
C VAL C 260 14.58 -18.13 13.25
N LEU C 261 14.32 -17.98 14.54
CA LEU C 261 15.36 -17.98 15.62
C LEU C 261 16.32 -19.15 15.41
N ALA C 262 15.78 -20.37 15.30
CA ALA C 262 16.56 -21.63 15.29
C ALA C 262 17.39 -21.72 14.02
N ALA C 263 16.84 -21.31 12.87
CA ALA C 263 17.58 -21.29 11.59
C ALA C 263 18.75 -20.31 11.71
N GLY C 264 18.52 -19.16 12.37
CA GLY C 264 19.54 -18.14 12.70
C GLY C 264 20.73 -18.72 13.47
N LYS C 265 20.50 -19.24 14.67
CA LYS C 265 21.56 -19.86 15.54
C LYS C 265 22.34 -20.92 14.77
N GLN C 266 21.65 -21.80 14.06
CA GLN C 266 22.29 -22.88 13.27
C GLN C 266 23.25 -22.26 12.24
N ALA C 267 22.85 -21.19 11.56
CA ALA C 267 23.62 -20.62 10.42
C ALA C 267 24.68 -19.62 10.91
N ALA C 268 24.66 -19.24 12.19
CA ALA C 268 25.46 -18.13 12.76
C ALA C 268 26.95 -18.26 12.40
N GLN C 269 27.59 -19.34 12.83
CA GLN C 269 29.05 -19.56 12.61
C GLN C 269 29.39 -19.32 11.14
N LYS C 270 28.60 -19.89 10.24
CA LYS C 270 28.86 -19.94 8.76
C LYS C 270 28.73 -18.53 8.17
N LEU C 271 27.64 -17.84 8.48
CA LEU C 271 27.36 -16.46 8.00
C LEU C 271 28.42 -15.48 8.52
N GLU C 272 28.78 -15.56 9.80
CA GLU C 272 29.84 -14.69 10.40
C GLU C 272 31.16 -14.88 9.65
N GLN C 273 31.55 -16.13 9.42
CA GLN C 273 32.78 -16.48 8.66
C GLN C 273 32.66 -15.86 7.28
N PHE C 274 31.55 -16.12 6.56
CA PHE C 274 31.35 -15.63 5.18
C PHE C 274 31.53 -14.10 5.13
N VAL C 275 30.84 -13.38 6.02
CA VAL C 275 30.87 -11.89 5.98
C VAL C 275 32.30 -11.42 6.29
N SER C 276 32.95 -12.07 7.25
CA SER C 276 34.29 -11.64 7.74
C SER C 276 35.28 -11.69 6.56
N ILE C 277 35.22 -12.79 5.82
CA ILE C 277 36.15 -13.16 4.71
C ILE C 277 35.80 -12.31 3.49
N LEU C 278 34.51 -12.01 3.32
CA LEU C 278 34.06 -11.11 2.24
C LEU C 278 34.71 -9.73 2.37
N MET C 279 35.10 -9.29 3.56
CA MET C 279 35.64 -7.91 3.79
C MET C 279 36.85 -7.67 2.90
N ALA C 280 37.67 -8.70 2.64
CA ALA C 280 38.87 -8.60 1.78
C ALA C 280 38.48 -8.29 0.32
N SER C 281 37.27 -8.61 -0.14
CA SER C 281 36.81 -8.40 -1.56
C SER C 281 36.30 -6.97 -1.79
N ILE C 282 36.02 -6.24 -0.72
CA ILE C 282 35.40 -4.88 -0.84
C ILE C 282 36.44 -3.91 -1.38
N PRO C 283 36.17 -3.21 -2.50
CA PRO C 283 37.13 -2.24 -3.03
C PRO C 283 37.57 -1.25 -1.94
N LEU C 284 38.82 -0.79 -2.05
CA LEU C 284 39.40 0.22 -1.12
C LEU C 284 38.90 1.60 -1.54
N PRO C 285 38.81 2.57 -0.62
CA PRO C 285 38.29 3.90 -0.96
C PRO C 285 39.16 4.69 -1.95
#